data_7F5G
#
_entry.id   7F5G
#
_cell.length_a   79.818
_cell.length_b   95.040
_cell.length_c   118.915
_cell.angle_alpha   90.000
_cell.angle_beta   90.000
_cell.angle_gamma   90.000
#
_symmetry.space_group_name_H-M   'P 2 21 21'
#
loop_
_entity.id
_entity.type
_entity.pdbx_description
1 polymer 'Spike glycoprotein'
2 polymer 'Nanobody DL4'
3 branched alpha-L-fucopyranose-(1-3)-[2-acetamido-2-deoxy-beta-D-glucopyranose-(1-4)][alpha-L-fucopyranose-(1-6)]2-acetamido-2-deoxy-beta-D-glucopyranose
4 non-polymer GLYCEROL
5 non-polymer 'ACETATE ION'
6 water water
#
loop_
_entity_poly.entity_id
_entity_poly.type
_entity_poly.pdbx_seq_one_letter_code
_entity_poly.pdbx_strand_id
1 'polypeptide(L)'
;AGSPNITNLCPFGEVFNATRFASVYAWNRKRISNCVADYSVLYNSASFSTFKCYGVSPTKLNDLCFTNVYADSFVIRGDE
VRQIAPGQTGKIADYNYKLPDDFTGCVIAWNSNNLDSKVGGNYNYLYRLFRKSNLKPFERDISTEIYQAGSTPCNGVEGF
NCYFPLQSYGFQPTNGVGYQPYRVVVLSFELLHAPATVCGPKKSTGTLEVLFQ
;
A,C
2 'polypeptide(L)'
;GSSSQVQLQESGGGLVQPGGSLRLSCAASGSFFEFGTVGWFRQAPGKQRELVSRITGNDHRYYADSVKGRFTISRDNDET
TVYLQMDSLKPEDTAIYHCNILEGQRWSNYWGQGTQVTVSAGRAGEQKLISEEDLNSAVDHHHHHH
;
B,D
#
# COMPACT_ATOMS: atom_id res chain seq x y z
N ASN A 8 -16.31 -39.93 -5.53
CA ASN A 8 -16.68 -39.21 -6.75
C ASN A 8 -16.58 -37.70 -6.54
N LEU A 9 -15.79 -37.29 -5.56
CA LEU A 9 -15.50 -35.87 -5.38
C LEU A 9 -14.43 -35.45 -6.38
N CYS A 10 -14.56 -34.22 -6.87
CA CYS A 10 -13.61 -33.73 -7.85
C CYS A 10 -12.20 -33.73 -7.24
N PRO A 11 -11.18 -34.10 -8.01
CA PRO A 11 -9.82 -34.24 -7.47
C PRO A 11 -9.09 -32.91 -7.36
N PHE A 12 -9.67 -31.98 -6.60
CA PHE A 12 -9.03 -30.70 -6.38
C PHE A 12 -7.74 -30.82 -5.57
N GLY A 13 -7.66 -31.81 -4.68
CA GLY A 13 -6.45 -32.00 -3.91
C GLY A 13 -5.23 -32.24 -4.79
N GLU A 14 -5.41 -32.98 -5.89
CA GLU A 14 -4.30 -33.23 -6.80
C GLU A 14 -3.77 -31.95 -7.44
N VAL A 15 -4.60 -30.91 -7.54
CA VAL A 15 -4.17 -29.65 -8.12
C VAL A 15 -3.59 -28.74 -7.04
N PHE A 16 -4.37 -28.49 -5.99
CA PHE A 16 -3.94 -27.52 -4.99
C PHE A 16 -2.79 -28.04 -4.15
N ASN A 17 -2.75 -29.34 -3.88
CA ASN A 17 -1.75 -29.91 -3.00
C ASN A 17 -0.63 -30.61 -3.74
N ALA A 18 -0.51 -30.35 -5.05
CA ALA A 18 0.59 -30.91 -5.82
C ALA A 18 1.94 -30.54 -5.21
N THR A 19 2.85 -31.52 -5.15
CA THR A 19 4.19 -31.22 -4.65
C THR A 19 4.91 -30.25 -5.56
N ARG A 20 4.83 -30.46 -6.88
CA ARG A 20 5.50 -29.60 -7.84
C ARG A 20 4.48 -28.78 -8.63
N PHE A 21 4.83 -27.51 -8.89
CA PHE A 21 4.03 -26.62 -9.69
C PHE A 21 4.81 -26.24 -10.94
N ALA A 22 4.09 -25.92 -12.01
CA ALA A 22 4.72 -25.58 -13.28
C ALA A 22 5.26 -24.15 -13.27
N SER A 23 6.20 -23.89 -14.17
CA SER A 23 6.53 -22.51 -14.54
C SER A 23 5.37 -21.91 -15.29
N VAL A 24 5.17 -20.59 -15.10
CA VAL A 24 4.02 -19.91 -15.69
C VAL A 24 4.08 -19.94 -17.21
N TYR A 25 5.27 -19.84 -17.81
CA TYR A 25 5.32 -19.90 -19.27
C TYR A 25 4.90 -21.27 -19.79
N ALA A 26 5.09 -22.32 -19.00
CA ALA A 26 4.69 -23.67 -19.38
C ALA A 26 3.57 -24.15 -18.48
N TRP A 27 2.56 -23.30 -18.29
CA TRP A 27 1.57 -23.53 -17.27
C TRP A 27 0.81 -24.85 -17.48
N ASN A 28 0.43 -25.46 -16.36
CA ASN A 28 -0.20 -26.77 -16.34
C ASN A 28 -1.72 -26.62 -16.41
N ARG A 29 -2.38 -27.52 -17.14
CA ARG A 29 -3.84 -27.56 -17.16
C ARG A 29 -4.30 -28.96 -16.83
N LYS A 30 -5.24 -29.07 -15.89
CA LYS A 30 -5.96 -30.31 -15.62
C LYS A 30 -7.44 -30.12 -15.89
N ARG A 31 -8.01 -31.00 -16.71
CA ARG A 31 -9.45 -31.01 -16.96
C ARG A 31 -10.14 -31.77 -15.85
N ILE A 32 -11.21 -31.18 -15.32
CA ILE A 32 -12.02 -31.76 -14.25
C ILE A 32 -13.38 -32.09 -14.86
N SER A 33 -13.86 -33.32 -14.62
CA SER A 33 -15.09 -33.77 -15.23
C SER A 33 -15.73 -34.86 -14.37
N ASN A 34 -17.04 -35.03 -14.55
CA ASN A 34 -17.78 -36.18 -14.00
C ASN A 34 -17.53 -36.35 -12.51
N CYS A 35 -17.83 -35.31 -11.74
CA CYS A 35 -17.55 -35.38 -10.32
C CYS A 35 -18.37 -34.32 -9.59
N VAL A 36 -18.41 -34.46 -8.27
CA VAL A 36 -19.07 -33.50 -7.40
C VAL A 36 -18.00 -32.67 -6.70
N ALA A 37 -18.20 -31.35 -6.67
CA ALA A 37 -17.24 -30.42 -6.08
C ALA A 37 -17.94 -29.53 -5.08
N ASP A 38 -17.41 -29.48 -3.85
CA ASP A 38 -17.90 -28.54 -2.85
C ASP A 38 -16.94 -27.35 -2.85
N TYR A 39 -17.40 -26.25 -3.45
CA TYR A 39 -16.54 -25.08 -3.57
C TYR A 39 -16.43 -24.32 -2.26
N SER A 40 -17.42 -24.45 -1.37
CA SER A 40 -17.31 -23.84 -0.04
C SER A 40 -16.21 -24.52 0.76
N VAL A 41 -16.15 -25.85 0.70
CA VAL A 41 -15.07 -26.58 1.34
C VAL A 41 -13.73 -26.14 0.77
N LEU A 42 -13.66 -26.00 -0.56
CA LEU A 42 -12.41 -25.55 -1.18
C LEU A 42 -12.05 -24.15 -0.66
N TYR A 43 -12.99 -23.22 -0.72
CA TYR A 43 -12.76 -21.87 -0.24
C TYR A 43 -12.23 -21.84 1.18
N ASN A 44 -12.76 -22.71 2.05
CA ASN A 44 -12.38 -22.73 3.45
C ASN A 44 -11.20 -23.64 3.74
N SER A 45 -10.58 -24.25 2.73
CA SER A 45 -9.59 -25.30 2.99
C SER A 45 -8.22 -24.75 3.37
N ALA A 46 -7.95 -23.46 3.17
CA ALA A 46 -6.63 -22.93 3.43
C ALA A 46 -6.73 -21.41 3.54
N SER A 47 -5.66 -20.81 4.05
CA SER A 47 -5.53 -19.36 4.13
C SER A 47 -4.99 -18.86 2.79
N PHE A 48 -5.89 -18.62 1.85
CA PHE A 48 -5.51 -18.08 0.57
C PHE A 48 -5.29 -16.58 0.67
N SER A 49 -4.36 -16.06 -0.12
CA SER A 49 -4.17 -14.62 -0.17
C SER A 49 -5.00 -13.96 -1.26
N THR A 50 -5.37 -14.72 -2.29
CA THR A 50 -6.28 -14.25 -3.33
C THR A 50 -7.32 -15.33 -3.56
N PHE A 51 -8.58 -14.92 -3.65
CA PHE A 51 -9.65 -15.81 -4.09
C PHE A 51 -10.70 -14.90 -4.74
N LYS A 52 -10.53 -14.67 -6.04
CA LYS A 52 -11.27 -13.66 -6.78
C LYS A 52 -12.02 -14.37 -7.91
N CYS A 53 -13.34 -14.23 -7.93
CA CYS A 53 -14.18 -14.90 -8.91
C CYS A 53 -14.80 -13.88 -9.86
N TYR A 54 -15.04 -14.33 -11.09
CA TYR A 54 -15.57 -13.51 -12.17
C TYR A 54 -16.73 -14.27 -12.81
N GLY A 55 -17.86 -13.59 -12.97
CA GLY A 55 -19.05 -14.17 -13.58
C GLY A 55 -19.69 -15.31 -12.80
N VAL A 56 -19.06 -15.77 -11.73
CA VAL A 56 -19.61 -16.70 -10.77
C VAL A 56 -19.20 -16.18 -9.41
N SER A 57 -19.69 -16.83 -8.37
CA SER A 57 -19.40 -16.35 -7.03
C SER A 57 -19.16 -17.54 -6.11
N PRO A 58 -18.38 -17.34 -5.05
CA PRO A 58 -18.26 -18.42 -4.05
C PRO A 58 -19.60 -18.86 -3.50
N THR A 59 -20.55 -17.93 -3.29
CA THR A 59 -21.81 -18.34 -2.69
C THR A 59 -22.75 -19.05 -3.66
N LYS A 60 -22.49 -18.97 -4.97
CA LYS A 60 -23.40 -19.55 -5.96
C LYS A 60 -22.90 -20.85 -6.55
N LEU A 61 -21.60 -21.14 -6.43
CA LEU A 61 -21.02 -22.25 -7.18
C LEU A 61 -21.60 -23.59 -6.77
N ASN A 62 -22.00 -23.74 -5.51
CA ASN A 62 -22.49 -25.03 -5.07
C ASN A 62 -23.87 -25.38 -5.62
N ASP A 63 -24.54 -24.43 -6.28
CA ASP A 63 -25.84 -24.69 -6.90
C ASP A 63 -25.77 -24.80 -8.41
N LEU A 64 -24.58 -24.90 -8.99
CA LEU A 64 -24.40 -24.83 -10.42
C LEU A 64 -23.74 -26.09 -10.95
N CYS A 65 -24.00 -26.37 -12.23
CA CYS A 65 -23.43 -27.48 -12.97
C CYS A 65 -22.71 -26.96 -14.19
N PHE A 66 -21.55 -27.54 -14.51
CA PHE A 66 -20.80 -27.12 -15.67
C PHE A 66 -20.40 -28.32 -16.51
N THR A 67 -20.19 -28.08 -17.81
CA THR A 67 -19.75 -29.15 -18.70
C THR A 67 -18.33 -29.59 -18.41
N ASN A 68 -17.46 -28.63 -18.12
CA ASN A 68 -16.10 -28.94 -17.74
C ASN A 68 -15.58 -27.83 -16.84
N VAL A 69 -14.66 -28.20 -15.97
CA VAL A 69 -13.87 -27.26 -15.20
C VAL A 69 -12.42 -27.49 -15.56
N TYR A 70 -11.71 -26.42 -15.88
CA TYR A 70 -10.27 -26.52 -16.09
C TYR A 70 -9.59 -25.88 -14.90
N ALA A 71 -8.53 -26.52 -14.43
CA ALA A 71 -7.70 -25.98 -13.35
C ALA A 71 -6.31 -25.76 -13.92
N ASP A 72 -5.95 -24.49 -14.09
CA ASP A 72 -4.62 -24.12 -14.57
C ASP A 72 -3.78 -23.71 -13.37
N SER A 73 -2.51 -24.13 -13.34
CA SER A 73 -1.68 -23.82 -12.17
C SER A 73 -0.23 -23.56 -12.57
N PHE A 74 0.43 -22.75 -11.75
CA PHE A 74 1.78 -22.26 -11.99
C PHE A 74 2.26 -21.40 -10.82
N VAL A 75 3.53 -20.97 -10.87
CA VAL A 75 4.12 -20.07 -9.88
C VAL A 75 4.48 -18.74 -10.55
N ILE A 76 4.15 -17.63 -9.88
CA ILE A 76 4.61 -16.30 -10.25
C ILE A 76 5.04 -15.59 -8.96
N ARG A 77 5.51 -14.36 -9.08
N ARG A 77 5.50 -14.35 -9.09
CA ARG A 77 5.82 -13.61 -7.87
CA ARG A 77 5.82 -13.61 -7.88
C ARG A 77 4.59 -12.83 -7.39
C ARG A 77 4.58 -12.83 -7.39
N GLY A 78 4.66 -12.40 -6.12
CA GLY A 78 3.48 -11.84 -5.46
C GLY A 78 2.87 -10.66 -6.18
N ASP A 79 3.69 -9.70 -6.61
N ASP A 79 3.71 -9.72 -6.62
CA ASP A 79 3.12 -8.52 -7.24
CA ASP A 79 3.22 -8.50 -7.28
C ASP A 79 2.66 -8.76 -8.67
C ASP A 79 2.64 -8.77 -8.66
N GLU A 80 2.72 -10.00 -9.16
CA GLU A 80 2.17 -10.35 -10.46
C GLU A 80 0.81 -11.03 -10.38
N VAL A 81 0.37 -11.46 -9.20
CA VAL A 81 -0.95 -12.10 -9.10
C VAL A 81 -2.05 -11.19 -9.64
N ARG A 82 -1.88 -9.86 -9.52
CA ARG A 82 -2.89 -8.94 -10.04
C ARG A 82 -3.01 -9.01 -11.56
N GLN A 83 -1.99 -9.52 -12.26
CA GLN A 83 -2.08 -9.70 -13.71
C GLN A 83 -2.91 -10.92 -14.10
N ILE A 84 -3.25 -11.80 -13.17
CA ILE A 84 -4.05 -13.00 -13.49
C ILE A 84 -5.51 -12.60 -13.31
N ALA A 85 -6.01 -11.86 -14.28
CA ALA A 85 -7.36 -11.30 -14.24
C ALA A 85 -7.72 -10.80 -15.64
N PRO A 86 -9.00 -10.77 -16.00
CA PRO A 86 -9.38 -10.23 -17.31
C PRO A 86 -8.94 -8.78 -17.46
N GLY A 87 -8.53 -8.42 -18.68
CA GLY A 87 -8.20 -7.06 -19.01
C GLY A 87 -6.86 -6.55 -18.54
N GLN A 88 -5.97 -7.40 -18.06
CA GLN A 88 -4.71 -6.91 -17.54
C GLN A 88 -3.62 -6.93 -18.61
N THR A 89 -2.57 -6.14 -18.34
CA THR A 89 -1.37 -6.07 -19.15
C THR A 89 -0.17 -6.22 -18.22
N GLY A 90 0.98 -6.45 -18.83
CA GLY A 90 2.20 -6.81 -18.12
C GLY A 90 2.83 -8.06 -18.72
N LYS A 91 4.07 -8.34 -18.28
CA LYS A 91 4.81 -9.44 -18.88
C LYS A 91 4.08 -10.76 -18.70
N ILE A 92 3.41 -10.94 -17.57
CA ILE A 92 2.74 -12.21 -17.33
C ILE A 92 1.47 -12.31 -18.18
N ALA A 93 0.60 -11.29 -18.10
CA ALA A 93 -0.63 -11.33 -18.89
C ALA A 93 -0.34 -11.32 -20.40
N ASP A 94 0.66 -10.56 -20.83
CA ASP A 94 0.94 -10.42 -22.26
C ASP A 94 1.69 -11.63 -22.83
N TYR A 95 2.67 -12.16 -22.09
CA TYR A 95 3.59 -13.13 -22.67
C TYR A 95 3.50 -14.54 -22.09
N ASN A 96 2.72 -14.76 -21.02
CA ASN A 96 2.79 -16.03 -20.31
C ASN A 96 1.43 -16.70 -20.12
N TYR A 97 0.48 -15.99 -19.52
CA TYR A 97 -0.84 -16.57 -19.23
C TYR A 97 -1.88 -15.46 -19.31
N LYS A 98 -2.80 -15.58 -20.27
CA LYS A 98 -3.77 -14.54 -20.60
C LYS A 98 -5.18 -15.04 -20.34
N LEU A 99 -5.94 -14.30 -19.52
CA LEU A 99 -7.35 -14.63 -19.38
C LEU A 99 -8.18 -13.83 -20.37
N PRO A 100 -9.30 -14.38 -20.84
CA PRO A 100 -10.16 -13.64 -21.76
C PRO A 100 -10.96 -12.59 -21.02
N ASP A 101 -11.48 -11.62 -21.79
CA ASP A 101 -12.33 -10.59 -21.20
C ASP A 101 -13.59 -11.19 -20.58
N ASP A 102 -14.18 -12.19 -21.22
CA ASP A 102 -15.41 -12.81 -20.74
C ASP A 102 -15.16 -13.96 -19.78
N PHE A 103 -14.04 -13.94 -19.06
CA PHE A 103 -13.67 -15.05 -18.20
C PHE A 103 -14.75 -15.36 -17.17
N THR A 104 -15.07 -16.64 -17.03
CA THR A 104 -15.95 -17.13 -15.97
C THR A 104 -15.18 -18.14 -15.13
N GLY A 105 -14.84 -17.76 -13.91
CA GLY A 105 -14.10 -18.64 -13.03
C GLY A 105 -13.49 -17.88 -11.87
N CYS A 106 -12.55 -18.55 -11.20
CA CYS A 106 -11.93 -17.99 -9.99
C CYS A 106 -10.42 -18.08 -10.08
N VAL A 107 -9.76 -17.05 -9.54
CA VAL A 107 -8.30 -17.00 -9.45
C VAL A 107 -7.93 -17.12 -7.98
N ILE A 108 -7.15 -18.14 -7.65
CA ILE A 108 -6.82 -18.51 -6.28
C ILE A 108 -5.30 -18.52 -6.14
N ALA A 109 -4.80 -17.88 -5.09
CA ALA A 109 -3.35 -17.82 -4.90
C ALA A 109 -2.99 -17.90 -3.42
N TRP A 110 -1.76 -18.34 -3.14
CA TRP A 110 -1.22 -18.34 -1.80
C TRP A 110 0.31 -18.23 -1.83
N ASN A 111 0.84 -17.59 -0.80
CA ASN A 111 2.29 -17.46 -0.65
C ASN A 111 2.93 -18.83 -0.46
N SER A 112 3.96 -19.12 -1.27
CA SER A 112 4.65 -20.40 -1.18
C SER A 112 6.14 -20.23 -0.87
N ASN A 113 6.50 -19.12 -0.19
CA ASN A 113 7.89 -18.86 0.13
C ASN A 113 8.54 -20.01 0.89
N ASN A 114 7.77 -20.71 1.72
CA ASN A 114 8.32 -21.82 2.50
C ASN A 114 8.68 -23.02 1.64
N LEU A 115 8.10 -23.15 0.46
CA LEU A 115 8.41 -24.28 -0.42
C LEU A 115 9.26 -23.92 -1.62
N ASP A 116 9.13 -22.70 -2.15
CA ASP A 116 9.64 -22.37 -3.47
C ASP A 116 10.79 -21.37 -3.44
N SER A 117 11.27 -20.97 -2.26
CA SER A 117 12.50 -20.21 -2.14
C SER A 117 13.58 -21.09 -1.53
N LYS A 118 14.82 -20.61 -1.62
CA LYS A 118 15.96 -21.40 -1.17
C LYS A 118 17.12 -20.45 -0.96
N VAL A 119 17.94 -20.71 0.07
CA VAL A 119 19.16 -19.94 0.25
C VAL A 119 20.06 -20.17 -0.96
N GLY A 120 20.61 -19.09 -1.48
CA GLY A 120 21.30 -19.15 -2.76
C GLY A 120 20.38 -18.89 -3.94
N GLY A 121 19.06 -18.93 -3.73
CA GLY A 121 18.10 -18.75 -4.80
C GLY A 121 17.53 -20.04 -5.35
N ASN A 122 16.22 -20.07 -5.56
CA ASN A 122 15.59 -21.13 -6.34
C ASN A 122 15.39 -20.58 -7.75
N TYR A 123 16.02 -21.21 -8.73
CA TYR A 123 15.99 -20.75 -10.11
C TYR A 123 15.12 -21.64 -11.00
N ASN A 124 14.31 -22.51 -10.39
CA ASN A 124 13.60 -23.50 -11.20
CA ASN A 124 13.56 -23.51 -11.15
C ASN A 124 12.40 -22.90 -11.95
N TYR A 125 11.86 -21.78 -11.49
CA TYR A 125 10.66 -21.20 -12.08
C TYR A 125 10.99 -20.11 -13.08
N LEU A 126 10.43 -20.23 -14.28
CA LEU A 126 10.76 -19.38 -15.41
C LEU A 126 9.50 -18.64 -15.91
N TYR A 127 9.74 -17.52 -16.58
CA TYR A 127 8.69 -16.79 -17.29
C TYR A 127 9.24 -16.22 -18.58
N ARG A 128 8.37 -16.02 -19.56
CA ARG A 128 8.77 -15.44 -20.83
C ARG A 128 8.88 -13.93 -20.70
N LEU A 129 10.05 -13.39 -21.06
CA LEU A 129 10.38 -11.97 -20.93
C LEU A 129 10.20 -11.20 -22.23
N PHE A 130 10.27 -11.89 -23.37
CA PHE A 130 10.20 -11.28 -24.69
C PHE A 130 9.25 -12.08 -25.57
N ARG A 131 8.43 -11.40 -26.38
CA ARG A 131 7.61 -12.09 -27.37
C ARG A 131 7.21 -11.10 -28.47
N LYS A 132 7.12 -11.61 -29.71
CA LYS A 132 6.79 -10.73 -30.83
C LYS A 132 5.39 -10.12 -30.68
N SER A 133 4.40 -10.93 -30.29
CA SER A 133 3.05 -10.45 -30.05
C SER A 133 2.51 -11.01 -28.74
N ASN A 134 1.45 -10.39 -28.24
CA ASN A 134 0.80 -10.87 -27.03
C ASN A 134 0.14 -12.22 -27.27
N LEU A 135 0.03 -13.00 -26.19
CA LEU A 135 -0.72 -14.24 -26.27
C LEU A 135 -2.20 -13.97 -26.45
N LYS A 136 -2.87 -14.89 -27.12
CA LYS A 136 -4.32 -14.92 -27.07
C LYS A 136 -4.77 -15.61 -25.79
N PRO A 137 -6.04 -15.46 -25.39
CA PRO A 137 -6.49 -16.08 -24.14
C PRO A 137 -6.28 -17.58 -24.14
N PHE A 138 -5.73 -18.07 -23.03
CA PHE A 138 -5.44 -19.48 -22.79
C PHE A 138 -4.44 -20.07 -23.78
N GLU A 139 -3.66 -19.23 -24.45
CA GLU A 139 -2.58 -19.72 -25.29
C GLU A 139 -1.36 -20.06 -24.41
N ARG A 140 -0.57 -21.02 -24.87
CA ARG A 140 0.63 -21.48 -24.18
CA ARG A 140 0.64 -21.44 -24.17
C ARG A 140 1.78 -21.49 -25.17
N ASP A 141 2.88 -20.82 -24.84
CA ASP A 141 4.05 -20.76 -25.70
C ASP A 141 5.23 -21.29 -24.89
N ILE A 142 5.78 -22.43 -25.32
CA ILE A 142 6.93 -23.02 -24.64
C ILE A 142 8.19 -22.95 -25.50
N SER A 143 8.17 -22.16 -26.56
CA SER A 143 9.33 -22.08 -27.44
C SER A 143 10.48 -21.34 -26.76
N THR A 144 11.71 -21.61 -27.23
CA THR A 144 12.89 -20.99 -26.65
C THR A 144 13.88 -20.50 -27.70
N GLU A 145 13.41 -20.03 -28.86
CA GLU A 145 14.32 -19.47 -29.84
C GLU A 145 14.75 -18.05 -29.43
N ILE A 146 15.94 -17.66 -29.88
CA ILE A 146 16.46 -16.33 -29.58
C ILE A 146 15.51 -15.26 -30.12
N TYR A 147 15.29 -14.21 -29.32
CA TYR A 147 14.38 -13.13 -29.67
C TYR A 147 15.16 -11.98 -30.27
N GLN A 148 14.70 -11.49 -31.43
CA GLN A 148 15.37 -10.37 -32.10
C GLN A 148 14.73 -9.08 -31.63
N ALA A 149 15.42 -8.36 -30.74
CA ALA A 149 14.82 -7.19 -30.11
C ALA A 149 14.97 -5.93 -30.94
N GLY A 150 15.89 -5.92 -31.89
CA GLY A 150 16.05 -4.77 -32.77
C GLY A 150 15.88 -5.16 -34.22
N SER A 151 16.42 -4.38 -35.13
CA SER A 151 16.35 -4.71 -36.55
C SER A 151 17.59 -5.45 -37.04
N THR A 152 18.59 -5.65 -36.19
CA THR A 152 19.73 -6.42 -36.66
C THR A 152 19.46 -7.91 -36.45
N PRO A 153 19.64 -8.75 -37.45
CA PRO A 153 19.39 -10.18 -37.26
C PRO A 153 20.42 -10.79 -36.31
N CYS A 154 19.99 -11.83 -35.59
CA CYS A 154 20.84 -12.42 -34.56
C CYS A 154 21.75 -13.52 -35.09
N ASN A 155 21.28 -14.28 -36.08
CA ASN A 155 22.08 -15.34 -36.70
C ASN A 155 22.62 -16.32 -35.65
N GLY A 156 21.80 -16.61 -34.64
CA GLY A 156 22.16 -17.54 -33.59
C GLY A 156 23.11 -16.99 -32.53
N VAL A 157 23.46 -15.71 -32.57
CA VAL A 157 24.43 -15.13 -31.63
C VAL A 157 23.69 -14.27 -30.63
N GLU A 158 23.83 -14.60 -29.35
CA GLU A 158 23.21 -13.79 -28.31
C GLU A 158 24.09 -12.58 -27.97
N GLY A 159 23.43 -11.50 -27.57
CA GLY A 159 24.14 -10.30 -27.17
C GLY A 159 23.15 -9.17 -27.04
N PHE A 160 23.65 -7.95 -27.24
N PHE A 160 23.64 -7.94 -27.24
CA PHE A 160 22.78 -6.77 -27.26
CA PHE A 160 22.75 -6.81 -27.15
C PHE A 160 21.70 -6.96 -28.33
C PHE A 160 21.73 -6.86 -28.28
N ASN A 161 20.45 -6.76 -27.93
CA ASN A 161 19.30 -6.86 -28.83
C ASN A 161 19.04 -8.26 -29.37
N CYS A 162 19.70 -9.29 -28.83
CA CYS A 162 19.50 -10.70 -29.25
C CYS A 162 19.41 -11.56 -27.99
N TYR A 163 18.20 -11.87 -27.51
CA TYR A 163 18.05 -12.41 -26.16
C TYR A 163 17.41 -13.79 -26.13
N PHE A 164 17.96 -14.67 -25.29
CA PHE A 164 17.19 -15.85 -24.87
C PHE A 164 15.87 -15.36 -24.26
N PRO A 165 14.72 -15.93 -24.65
CA PRO A 165 13.43 -15.26 -24.36
C PRO A 165 12.89 -15.48 -22.95
N LEU A 166 13.44 -16.40 -22.16
CA LEU A 166 12.95 -16.65 -20.81
C LEU A 166 13.88 -16.03 -19.78
N GLN A 167 13.30 -15.68 -18.64
CA GLN A 167 14.01 -15.26 -17.44
C GLN A 167 13.58 -16.18 -16.31
N SER A 168 14.45 -16.37 -15.33
CA SER A 168 14.09 -17.15 -14.16
C SER A 168 13.86 -16.23 -12.97
N TYR A 169 12.83 -16.53 -12.18
CA TYR A 169 12.73 -15.86 -10.88
C TYR A 169 13.94 -16.29 -10.05
N GLY A 170 14.33 -15.44 -9.13
CA GLY A 170 15.45 -15.88 -8.32
C GLY A 170 15.01 -15.93 -6.89
N PHE A 171 14.02 -16.75 -6.58
CA PHE A 171 13.35 -16.65 -5.28
C PHE A 171 14.32 -16.89 -4.13
N GLN A 172 14.59 -15.84 -3.40
N GLN A 172 14.62 -15.82 -3.39
CA GLN A 172 15.36 -15.98 -2.19
CA GLN A 172 15.42 -15.91 -2.18
C GLN A 172 14.45 -15.77 -0.99
C GLN A 172 14.51 -15.71 -0.96
N PRO A 173 14.69 -16.50 0.11
CA PRO A 173 13.76 -16.41 1.25
C PRO A 173 13.59 -15.01 1.82
N THR A 174 14.60 -14.15 1.72
CA THR A 174 14.52 -12.80 2.27
C THR A 174 13.85 -11.79 1.36
N ASN A 175 13.45 -12.16 0.14
CA ASN A 175 12.77 -11.23 -0.75
C ASN A 175 11.59 -10.58 -0.05
N GLY A 176 11.32 -9.32 -0.39
CA GLY A 176 10.04 -8.73 -0.05
C GLY A 176 8.89 -9.55 -0.61
N VAL A 177 7.72 -9.38 0.00
CA VAL A 177 6.60 -10.26 -0.31
C VAL A 177 6.16 -10.12 -1.76
N GLY A 178 6.28 -8.92 -2.34
CA GLY A 178 5.97 -8.76 -3.76
C GLY A 178 6.86 -9.57 -4.69
N TYR A 179 8.00 -10.03 -4.19
CA TYR A 179 8.97 -10.77 -4.97
C TYR A 179 9.15 -12.18 -4.43
N GLN A 180 8.25 -12.63 -3.55
CA GLN A 180 8.21 -14.00 -3.09
C GLN A 180 7.33 -14.83 -4.01
N PRO A 181 7.54 -16.15 -4.05
CA PRO A 181 6.75 -17.00 -4.95
C PRO A 181 5.34 -17.20 -4.40
N TYR A 182 4.38 -17.23 -5.33
CA TYR A 182 2.99 -17.52 -5.04
C TYR A 182 2.54 -18.61 -5.98
N ARG A 183 1.89 -19.64 -5.42
CA ARG A 183 1.28 -20.67 -6.24
C ARG A 183 -0.12 -20.23 -6.60
N VAL A 184 -0.49 -20.43 -7.86
CA VAL A 184 -1.74 -19.90 -8.40
C VAL A 184 -2.51 -21.06 -9.01
N VAL A 185 -3.81 -21.11 -8.74
CA VAL A 185 -4.72 -22.01 -9.45
C VAL A 185 -5.84 -21.17 -10.05
N VAL A 186 -6.09 -21.36 -11.34
CA VAL A 186 -7.16 -20.67 -12.06
C VAL A 186 -8.19 -21.71 -12.43
N LEU A 187 -9.40 -21.58 -11.89
CA LEU A 187 -10.50 -22.48 -12.23
C LEU A 187 -11.38 -21.80 -13.28
N SER A 188 -11.55 -22.43 -14.44
CA SER A 188 -12.44 -21.91 -15.45
CA SER A 188 -12.41 -21.95 -15.50
C SER A 188 -13.66 -22.81 -15.59
N PHE A 189 -14.82 -22.20 -15.64
CA PHE A 189 -16.09 -22.92 -15.68
C PHE A 189 -16.71 -22.76 -17.05
N GLU A 190 -16.87 -23.88 -17.74
CA GLU A 190 -17.33 -23.90 -19.12
C GLU A 190 -18.70 -24.58 -19.17
N LEU A 191 -19.65 -23.93 -19.84
CA LEU A 191 -20.97 -24.49 -20.05
C LEU A 191 -21.21 -24.55 -21.56
N LEU A 192 -21.16 -25.75 -22.12
CA LEU A 192 -21.44 -25.97 -23.53
C LEU A 192 -22.80 -26.63 -23.69
N HIS A 193 -23.19 -26.79 -24.96
CA HIS A 193 -24.37 -27.58 -25.30
C HIS A 193 -23.98 -29.06 -25.23
N ALA A 194 -23.81 -29.53 -24.00
CA ALA A 194 -23.38 -30.88 -23.70
C ALA A 194 -23.78 -31.18 -22.26
N PRO A 195 -23.77 -32.44 -21.85
CA PRO A 195 -24.11 -32.76 -20.45
C PRO A 195 -23.18 -32.01 -19.50
N ALA A 196 -23.77 -31.46 -18.44
CA ALA A 196 -23.01 -30.77 -17.40
C ALA A 196 -22.69 -31.77 -16.30
N THR A 197 -21.44 -32.21 -16.24
CA THR A 197 -21.03 -33.33 -15.41
C THR A 197 -20.21 -32.92 -14.19
N VAL A 198 -19.95 -31.63 -14.00
CA VAL A 198 -19.29 -31.14 -12.80
C VAL A 198 -20.29 -30.25 -12.05
N CYS A 199 -20.76 -30.73 -10.91
CA CYS A 199 -21.86 -30.10 -10.19
C CYS A 199 -21.48 -29.91 -8.74
N GLY A 200 -22.06 -28.88 -8.13
CA GLY A 200 -21.96 -28.72 -6.70
C GLY A 200 -22.76 -29.79 -5.98
N PRO A 201 -22.63 -29.86 -4.65
CA PRO A 201 -23.39 -30.89 -3.92
C PRO A 201 -24.88 -30.64 -3.91
N LYS A 202 -25.32 -29.37 -3.97
CA LYS A 202 -26.74 -29.10 -4.11
C LYS A 202 -27.26 -29.56 -5.46
N LYS A 203 -26.38 -29.67 -6.46
CA LYS A 203 -26.72 -30.13 -7.80
C LYS A 203 -27.71 -29.19 -8.49
N SER B 4 17.27 -2.31 -3.82
CA SER B 4 17.69 -2.43 -5.22
C SER B 4 19.20 -2.52 -5.44
N GLN B 5 20.02 -2.31 -4.43
CA GLN B 5 21.44 -2.22 -4.73
C GLN B 5 22.04 -3.62 -4.86
N VAL B 6 22.95 -3.74 -5.79
CA VAL B 6 23.62 -4.99 -6.11
C VAL B 6 25.11 -4.68 -6.24
N GLN B 7 25.94 -5.59 -5.75
CA GLN B 7 27.35 -5.57 -6.10
C GLN B 7 27.70 -6.93 -6.70
N LEU B 8 28.29 -6.90 -7.90
CA LEU B 8 28.78 -8.10 -8.57
C LEU B 8 30.31 -8.12 -8.47
N GLN B 9 30.83 -8.99 -7.60
CA GLN B 9 32.27 -9.06 -7.40
C GLN B 9 32.85 -10.09 -8.36
N GLU B 10 33.69 -9.63 -9.28
CA GLU B 10 34.29 -10.48 -10.30
C GLU B 10 35.71 -10.84 -9.87
N SER B 11 36.06 -12.12 -9.99
CA SER B 11 37.37 -12.60 -9.56
C SER B 11 37.72 -13.87 -10.33
N GLY B 12 38.97 -14.31 -10.16
CA GLY B 12 39.43 -15.57 -10.71
C GLY B 12 40.29 -15.46 -11.94
N GLY B 13 40.46 -14.27 -12.50
CA GLY B 13 41.31 -14.11 -13.65
C GLY B 13 42.77 -14.33 -13.28
N GLY B 14 43.61 -14.37 -14.30
CA GLY B 14 45.02 -14.61 -14.04
C GLY B 14 45.79 -14.65 -15.34
N LEU B 15 47.08 -14.95 -15.20
CA LEU B 15 47.99 -15.07 -16.32
C LEU B 15 48.40 -16.54 -16.43
N VAL B 16 48.11 -17.17 -17.56
CA VAL B 16 48.36 -18.59 -17.79
C VAL B 16 48.96 -18.78 -19.18
N GLN B 17 49.53 -19.98 -19.39
CA GLN B 17 50.04 -20.39 -20.70
C GLN B 17 48.92 -21.02 -21.53
N PRO B 18 49.09 -21.08 -22.85
CA PRO B 18 48.10 -21.76 -23.69
C PRO B 18 47.91 -23.20 -23.24
N GLY B 19 46.64 -23.65 -23.28
CA GLY B 19 46.24 -24.93 -22.75
C GLY B 19 45.89 -24.93 -21.27
N GLY B 20 46.11 -23.83 -20.55
CA GLY B 20 45.84 -23.76 -19.12
C GLY B 20 44.36 -23.55 -18.81
N SER B 21 44.06 -23.39 -17.51
CA SER B 21 42.68 -23.26 -17.03
CA SER B 21 42.69 -23.23 -17.06
C SER B 21 42.58 -22.12 -16.02
N LEU B 22 41.40 -21.53 -15.94
CA LEU B 22 41.03 -20.55 -14.91
C LEU B 22 39.56 -20.77 -14.58
N ARG B 23 39.16 -20.43 -13.36
N ARG B 23 39.16 -20.35 -13.39
CA ARG B 23 37.74 -20.40 -12.99
CA ARG B 23 37.76 -20.40 -12.96
C ARG B 23 37.40 -18.98 -12.56
C ARG B 23 37.35 -19.01 -12.51
N LEU B 24 36.51 -18.34 -13.30
CA LEU B 24 36.04 -17.01 -12.92
C LEU B 24 34.83 -17.15 -12.00
N SER B 25 34.68 -16.16 -11.12
CA SER B 25 33.60 -16.13 -10.15
C SER B 25 32.89 -14.79 -10.25
N CYS B 26 31.55 -14.84 -10.30
CA CYS B 26 30.69 -13.66 -10.28
C CYS B 26 29.87 -13.83 -9.01
N ALA B 27 30.22 -13.11 -7.94
CA ALA B 27 29.56 -13.26 -6.65
C ALA B 27 28.69 -12.04 -6.40
N ALA B 28 27.38 -12.26 -6.34
CA ALA B 28 26.41 -11.18 -6.19
C ALA B 28 26.03 -11.03 -4.72
N SER B 29 25.87 -9.79 -4.30
CA SER B 29 25.38 -9.47 -2.96
C SER B 29 24.56 -8.19 -3.04
N GLY B 30 23.72 -8.00 -2.03
CA GLY B 30 22.98 -6.75 -1.98
C GLY B 30 21.54 -6.93 -1.56
N SER B 31 20.84 -5.81 -1.39
CA SER B 31 19.47 -5.88 -0.89
C SER B 31 18.54 -6.50 -1.92
N PHE B 32 18.76 -6.23 -3.21
CA PHE B 32 17.92 -6.87 -4.21
C PHE B 32 18.58 -6.89 -5.59
N PHE B 33 18.46 -8.03 -6.27
CA PHE B 33 18.94 -8.15 -7.64
C PHE B 33 18.27 -9.38 -8.26
N GLU B 34 18.23 -9.38 -9.59
CA GLU B 34 17.66 -10.47 -10.38
C GLU B 34 18.81 -11.36 -10.86
N PHE B 35 19.00 -12.50 -10.21
CA PHE B 35 20.10 -13.40 -10.54
C PHE B 35 19.65 -14.59 -11.38
N GLY B 36 18.43 -14.57 -11.92
CA GLY B 36 17.94 -15.67 -12.73
C GLY B 36 18.66 -15.82 -14.06
N THR B 37 19.25 -14.73 -14.57
CA THR B 37 20.10 -14.77 -15.76
C THR B 37 21.42 -14.09 -15.44
N VAL B 38 22.52 -14.78 -15.73
CA VAL B 38 23.86 -14.25 -15.50
C VAL B 38 24.67 -14.45 -16.77
N GLY B 39 25.31 -13.39 -17.23
CA GLY B 39 26.11 -13.44 -18.44
C GLY B 39 27.54 -13.05 -18.12
N TRP B 40 28.48 -13.75 -18.76
CA TRP B 40 29.88 -13.39 -18.73
C TRP B 40 30.20 -12.74 -20.06
N PHE B 41 30.73 -11.54 -20.01
CA PHE B 41 31.10 -10.76 -21.18
C PHE B 41 32.62 -10.61 -21.19
N ARG B 42 33.15 -10.30 -22.35
CA ARG B 42 34.57 -9.96 -22.40
C ARG B 42 34.80 -8.87 -23.43
N GLN B 43 35.87 -8.12 -23.22
CA GLN B 43 36.27 -7.07 -24.13
C GLN B 43 37.78 -7.18 -24.29
N ALA B 44 38.22 -7.61 -25.47
CA ALA B 44 39.63 -7.61 -25.84
C ALA B 44 40.07 -6.19 -26.15
N PRO B 45 41.38 -5.94 -26.23
CA PRO B 45 41.84 -4.54 -26.42
C PRO B 45 41.34 -3.95 -27.73
N GLY B 46 40.77 -2.75 -27.64
CA GLY B 46 40.22 -2.06 -28.79
C GLY B 46 39.13 -2.80 -29.52
N LYS B 47 38.43 -3.72 -28.86
CA LYS B 47 37.45 -4.57 -29.50
C LYS B 47 36.09 -4.40 -28.85
N GLN B 48 35.06 -4.89 -29.52
CA GLN B 48 33.70 -4.80 -29.02
C GLN B 48 33.48 -5.81 -27.91
N ARG B 49 32.70 -5.41 -26.89
CA ARG B 49 32.33 -6.38 -25.86
C ARG B 49 31.40 -7.43 -26.45
N GLU B 50 31.58 -8.68 -26.05
CA GLU B 50 30.79 -9.79 -26.56
C GLU B 50 30.31 -10.65 -25.40
N LEU B 51 29.11 -11.21 -25.54
CA LEU B 51 28.63 -12.19 -24.56
C LEU B 51 29.35 -13.52 -24.78
N VAL B 52 30.11 -13.95 -23.77
CA VAL B 52 30.85 -15.22 -23.84
C VAL B 52 29.97 -16.39 -23.46
N SER B 53 29.22 -16.25 -22.37
CA SER B 53 28.42 -17.37 -21.90
C SER B 53 27.27 -16.81 -21.06
N ARG B 54 26.14 -17.52 -21.04
CA ARG B 54 25.00 -17.11 -20.23
C ARG B 54 24.38 -18.34 -19.59
N ILE B 55 23.84 -18.18 -18.38
CA ILE B 55 23.00 -19.19 -17.76
C ILE B 55 21.69 -18.53 -17.33
N THR B 56 20.58 -19.18 -17.64
CA THR B 56 19.25 -18.75 -17.24
C THR B 56 18.60 -19.92 -16.51
N GLY B 57 17.97 -19.65 -15.38
CA GLY B 57 17.45 -20.74 -14.58
C GLY B 57 18.57 -21.63 -14.08
N ASN B 58 18.30 -22.92 -14.01
CA ASN B 58 19.33 -23.87 -13.62
C ASN B 58 20.07 -24.50 -14.80
N ASP B 59 19.52 -24.45 -16.01
CA ASP B 59 20.09 -25.33 -17.03
C ASP B 59 19.90 -24.85 -18.47
N HIS B 60 19.56 -23.60 -18.71
CA HIS B 60 19.52 -23.07 -20.07
C HIS B 60 20.79 -22.28 -20.25
N ARG B 61 21.72 -22.83 -21.04
CA ARG B 61 23.04 -22.23 -21.17
C ARG B 61 23.30 -21.80 -22.60
N TYR B 62 24.16 -20.80 -22.74
CA TYR B 62 24.64 -20.29 -24.02
C TYR B 62 26.15 -20.19 -23.97
N TYR B 63 26.82 -20.55 -25.07
CA TYR B 63 28.25 -20.33 -25.26
C TYR B 63 28.49 -19.71 -26.62
N ALA B 64 29.32 -18.67 -26.67
CA ALA B 64 29.76 -18.14 -27.96
C ALA B 64 30.49 -19.24 -28.74
N ASP B 65 30.32 -19.23 -30.07
CA ASP B 65 30.95 -20.24 -30.92
C ASP B 65 32.41 -20.48 -30.57
N SER B 66 33.15 -19.39 -30.33
CA SER B 66 34.61 -19.53 -30.17
C SER B 66 35.01 -20.20 -28.86
N VAL B 67 34.07 -20.38 -27.92
CA VAL B 67 34.38 -21.04 -26.66
C VAL B 67 33.57 -22.32 -26.43
N LYS B 68 32.72 -22.71 -27.40
CA LYS B 68 31.92 -23.93 -27.25
C LYS B 68 32.81 -25.15 -27.02
N GLY B 69 32.49 -25.92 -25.98
CA GLY B 69 33.27 -27.09 -25.62
C GLY B 69 34.44 -26.83 -24.69
N ARG B 70 34.92 -25.59 -24.61
CA ARG B 70 36.05 -25.26 -23.75
C ARG B 70 35.64 -24.60 -22.45
N PHE B 71 34.56 -23.80 -22.44
CA PHE B 71 34.10 -23.09 -21.26
C PHE B 71 32.83 -23.74 -20.70
N THR B 72 32.65 -23.67 -19.38
CA THR B 72 31.49 -24.23 -18.71
C THR B 72 30.97 -23.25 -17.67
N ILE B 73 29.69 -22.88 -17.76
CA ILE B 73 29.09 -21.94 -16.82
C ILE B 73 28.26 -22.73 -15.82
N SER B 74 28.30 -22.32 -14.56
CA SER B 74 27.65 -23.07 -13.48
C SER B 74 27.26 -22.15 -12.32
N ARG B 75 26.36 -22.64 -11.48
CA ARG B 75 25.94 -21.94 -10.26
C ARG B 75 26.54 -22.58 -9.01
N ASP B 76 26.86 -21.75 -8.03
CA ASP B 76 27.16 -22.27 -6.69
C ASP B 76 25.88 -22.81 -6.06
N ASN B 77 26.01 -23.93 -5.34
CA ASN B 77 24.82 -24.61 -4.82
C ASN B 77 24.16 -23.88 -3.66
N ASP B 78 24.90 -23.03 -2.95
CA ASP B 78 24.42 -22.43 -1.71
C ASP B 78 24.46 -20.92 -1.68
N GLU B 79 25.02 -20.27 -2.69
CA GLU B 79 25.27 -18.83 -2.71
C GLU B 79 24.84 -18.27 -4.04
N THR B 80 24.56 -16.95 -4.06
CA THR B 80 24.26 -16.26 -5.32
C THR B 80 25.57 -15.93 -6.03
N THR B 81 26.20 -16.99 -6.54
CA THR B 81 27.44 -16.91 -7.28
C THR B 81 27.34 -17.79 -8.51
N VAL B 82 27.96 -17.34 -9.61
CA VAL B 82 28.04 -18.09 -10.86
C VAL B 82 29.51 -18.20 -11.26
N TYR B 83 29.92 -19.39 -11.74
CA TYR B 83 31.30 -19.62 -12.15
C TYR B 83 31.42 -19.78 -13.65
N LEU B 84 32.57 -19.40 -14.18
CA LEU B 84 32.92 -19.70 -15.57
C LEU B 84 34.22 -20.49 -15.56
N GLN B 85 34.12 -21.80 -15.74
CA GLN B 85 35.30 -22.65 -15.86
C GLN B 85 35.83 -22.55 -17.28
N MET B 86 37.06 -22.06 -17.43
CA MET B 86 37.69 -21.85 -18.74
C MET B 86 38.82 -22.86 -18.90
N ASP B 87 38.63 -23.85 -19.78
CA ASP B 87 39.65 -24.85 -20.03
C ASP B 87 40.24 -24.68 -21.42
N SER B 88 41.41 -25.28 -21.66
CA SER B 88 42.02 -25.26 -22.99
C SER B 88 42.17 -23.83 -23.51
N LEU B 89 42.68 -22.95 -22.64
CA LEU B 89 42.73 -21.52 -22.95
C LEU B 89 43.67 -21.21 -24.12
N LYS B 90 43.28 -20.22 -24.93
CA LYS B 90 43.99 -19.80 -26.12
C LYS B 90 44.39 -18.34 -25.97
N PRO B 91 45.45 -17.91 -26.66
CA PRO B 91 45.79 -16.47 -26.65
C PRO B 91 44.62 -15.55 -26.97
N GLU B 92 43.74 -15.95 -27.89
CA GLU B 92 42.65 -15.05 -28.23
C GLU B 92 41.58 -14.97 -27.15
N ASP B 93 41.67 -15.75 -26.08
CA ASP B 93 40.80 -15.56 -24.91
C ASP B 93 41.26 -14.42 -24.01
N THR B 94 42.44 -13.84 -24.26
CA THR B 94 42.92 -12.72 -23.46
C THR B 94 41.96 -11.53 -23.57
N ALA B 95 41.48 -11.04 -22.42
CA ALA B 95 40.53 -9.95 -22.37
C ALA B 95 40.24 -9.65 -20.91
N ILE B 96 39.53 -8.56 -20.67
CA ILE B 96 38.94 -8.33 -19.36
C ILE B 96 37.53 -8.90 -19.38
N TYR B 97 37.23 -9.75 -18.41
CA TYR B 97 35.94 -10.42 -18.34
C TYR B 97 35.06 -9.74 -17.30
N HIS B 98 33.77 -9.54 -17.66
CA HIS B 98 32.81 -8.86 -16.83
C HIS B 98 31.56 -9.70 -16.70
N CYS B 99 30.95 -9.71 -15.51
CA CYS B 99 29.68 -10.41 -15.40
C CYS B 99 28.56 -9.39 -15.26
N ASN B 100 27.36 -9.82 -15.66
CA ASN B 100 26.24 -8.91 -15.66
C ASN B 100 24.95 -9.70 -15.55
N ILE B 101 23.86 -8.98 -15.26
CA ILE B 101 22.53 -9.54 -15.05
C ILE B 101 21.53 -8.71 -15.85
N LEU B 102 20.30 -9.21 -15.97
CA LEU B 102 19.28 -8.46 -16.66
C LEU B 102 18.65 -7.45 -15.73
N GLU B 103 18.22 -6.33 -16.30
CA GLU B 103 17.34 -5.37 -15.62
C GLU B 103 16.18 -5.14 -16.57
N GLY B 104 15.03 -5.73 -16.28
CA GLY B 104 13.94 -5.70 -17.25
C GLY B 104 14.36 -6.44 -18.51
N GLN B 105 14.11 -5.82 -19.67
CA GLN B 105 14.33 -6.45 -20.97
C GLN B 105 15.71 -6.16 -21.57
N ARG B 106 16.72 -5.92 -20.74
CA ARG B 106 18.04 -5.59 -21.24
C ARG B 106 19.08 -5.95 -20.19
N TRP B 107 20.31 -6.19 -20.64
CA TRP B 107 21.43 -6.30 -19.71
C TRP B 107 21.57 -5.00 -18.92
N SER B 108 21.87 -5.11 -17.64
CA SER B 108 21.95 -3.96 -16.76
C SER B 108 23.12 -3.04 -17.17
N ASN B 109 23.11 -1.81 -16.67
CA ASN B 109 24.19 -0.89 -16.99
CA ASN B 109 24.18 -0.86 -16.97
C ASN B 109 25.41 -1.05 -16.10
N TYR B 110 25.41 -2.06 -15.22
CA TYR B 110 26.61 -2.34 -14.43
CA TYR B 110 26.59 -2.38 -14.41
C TYR B 110 27.78 -2.70 -15.32
N TRP B 111 28.89 -1.98 -15.14
CA TRP B 111 30.10 -2.33 -15.87
C TRP B 111 31.26 -1.98 -14.95
N GLY B 112 31.63 -2.94 -14.10
CA GLY B 112 32.64 -2.74 -13.07
C GLY B 112 34.05 -2.93 -13.54
N GLN B 113 34.93 -3.26 -12.57
CA GLN B 113 36.35 -3.41 -12.87
C GLN B 113 36.63 -4.72 -13.64
N GLY B 114 35.75 -5.71 -13.53
CA GLY B 114 35.98 -6.99 -14.20
C GLY B 114 37.19 -7.74 -13.62
N THR B 115 37.62 -8.77 -14.35
CA THR B 115 38.80 -9.54 -13.96
C THR B 115 39.63 -9.84 -15.19
N GLN B 116 40.96 -9.68 -15.08
CA GLN B 116 41.84 -9.78 -16.24
C GLN B 116 42.25 -11.22 -16.52
N VAL B 117 42.11 -11.64 -17.77
CA VAL B 117 42.56 -12.95 -18.23
C VAL B 117 43.63 -12.73 -19.29
N THR B 118 44.83 -13.25 -19.06
CA THR B 118 45.90 -13.18 -20.05
C THR B 118 46.43 -14.59 -20.32
N VAL B 119 46.47 -14.96 -21.60
CA VAL B 119 46.94 -16.25 -22.06
C VAL B 119 48.11 -15.94 -22.99
N SER B 120 49.33 -16.26 -22.55
CA SER B 120 50.52 -15.83 -23.26
C SER B 120 51.47 -16.99 -23.45
N ALA B 121 51.85 -17.24 -24.71
CA ALA B 121 52.79 -18.32 -25.04
C ALA B 121 54.12 -18.16 -24.31
N PRO C 4 13.26 20.78 -17.05
CA PRO C 4 12.70 19.89 -18.07
C PRO C 4 11.52 19.07 -17.58
N ASN C 5 10.45 19.06 -18.38
CA ASN C 5 9.24 18.30 -18.09
C ASN C 5 9.54 16.81 -18.06
N ILE C 6 9.48 16.20 -16.88
CA ILE C 6 9.71 14.77 -16.71
C ILE C 6 8.38 14.11 -16.36
N THR C 7 7.94 13.18 -17.20
CA THR C 7 6.72 12.40 -16.96
C THR C 7 6.81 11.55 -15.69
N ASN C 8 8.00 11.43 -15.10
CA ASN C 8 8.27 10.47 -14.03
C ASN C 8 8.61 11.17 -12.72
N LEU C 9 8.20 12.41 -12.53
CA LEU C 9 8.43 13.10 -11.27
C LEU C 9 7.40 12.65 -10.24
N CYS C 10 7.86 12.44 -9.01
CA CYS C 10 6.97 12.01 -7.96
C CYS C 10 5.87 13.06 -7.78
N PRO C 11 4.63 12.63 -7.59
CA PRO C 11 3.50 13.58 -7.54
C PRO C 11 3.36 14.27 -6.17
N PHE C 12 4.44 14.94 -5.75
CA PHE C 12 4.42 15.61 -4.46
C PHE C 12 3.48 16.81 -4.45
N GLY C 13 3.27 17.44 -5.61
CA GLY C 13 2.32 18.54 -5.67
C GLY C 13 0.91 18.10 -5.30
N GLU C 14 0.52 16.90 -5.72
CA GLU C 14 -0.80 16.36 -5.35
C GLU C 14 -0.96 16.28 -3.85
N VAL C 15 0.13 16.03 -3.12
CA VAL C 15 0.06 15.89 -1.67
C VAL C 15 0.12 17.26 -0.98
N PHE C 16 1.15 18.05 -1.31
CA PHE C 16 1.40 19.29 -0.58
C PHE C 16 0.41 20.38 -0.97
N ASN C 17 -0.07 20.36 -2.20
CA ASN C 17 -0.92 21.42 -2.73
C ASN C 17 -2.36 20.95 -2.88
N ALA C 18 -2.74 19.87 -2.21
CA ALA C 18 -4.12 19.41 -2.23
C ALA C 18 -5.03 20.52 -1.69
N THR C 19 -6.14 20.77 -2.38
CA THR C 19 -7.06 21.80 -1.91
C THR C 19 -7.66 21.41 -0.57
N ARG C 20 -8.00 20.13 -0.40
CA ARG C 20 -8.57 19.63 0.85
CA ARG C 20 -8.58 19.62 0.84
C ARG C 20 -7.58 18.72 1.56
N PHE C 21 -7.55 18.83 2.89
CA PHE C 21 -6.71 17.99 3.74
C PHE C 21 -7.60 17.18 4.68
N ALA C 22 -7.12 16.00 5.05
CA ALA C 22 -7.90 15.11 5.91
C ALA C 22 -7.91 15.58 7.36
N SER C 23 -8.92 15.11 8.10
CA SER C 23 -8.86 15.11 9.55
C SER C 23 -7.80 14.12 10.02
N VAL C 24 -7.13 14.47 11.13
CA VAL C 24 -6.04 13.64 11.61
C VAL C 24 -6.52 12.26 12.05
N TYR C 25 -7.74 12.14 12.59
CA TYR C 25 -8.17 10.81 12.98
C TYR C 25 -8.37 9.92 11.76
N ALA C 26 -8.67 10.52 10.60
CA ALA C 26 -8.87 9.77 9.37
C ALA C 26 -7.78 10.14 8.38
N TRP C 27 -6.55 10.16 8.86
CA TRP C 27 -5.45 10.71 8.10
C TRP C 27 -5.28 10.02 6.75
N ASN C 28 -4.88 10.81 5.76
CA ASN C 28 -4.75 10.36 4.38
C ASN C 28 -3.36 9.80 4.13
N ARG C 29 -3.29 8.73 3.33
CA ARG C 29 -2.00 8.18 2.92
C ARG C 29 -1.96 8.06 1.41
N LYS C 30 -0.88 8.54 0.80
CA LYS C 30 -0.61 8.34 -0.62
C LYS C 30 0.69 7.57 -0.76
N ARG C 31 0.65 6.47 -1.50
CA ARG C 31 1.86 5.71 -1.77
C ARG C 31 2.55 6.30 -2.98
N ILE C 32 3.85 6.53 -2.86
CA ILE C 32 4.68 7.08 -3.93
C ILE C 32 5.60 6.00 -4.43
N SER C 33 5.64 5.79 -5.75
CA SER C 33 6.49 4.76 -6.33
C SER C 33 6.86 5.13 -7.76
N ASN C 34 7.91 4.46 -8.25
CA ASN C 34 8.31 4.50 -9.65
C ASN C 34 8.41 5.93 -10.17
N CYS C 35 9.26 6.73 -9.51
CA CYS C 35 9.35 8.13 -9.88
C CYS C 35 10.65 8.74 -9.33
N VAL C 36 10.96 9.92 -9.83
CA VAL C 36 12.13 10.70 -9.43
C VAL C 36 11.66 11.86 -8.56
N ALA C 37 12.31 12.07 -7.42
CA ALA C 37 11.93 13.12 -6.48
C ALA C 37 13.12 14.01 -6.16
N ASP C 38 12.94 15.32 -6.29
CA ASP C 38 13.96 16.27 -5.86
C ASP C 38 13.54 16.82 -4.50
N TYR C 39 14.20 16.34 -3.45
CA TYR C 39 13.83 16.73 -2.09
C TYR C 39 14.31 18.13 -1.75
N SER C 40 15.40 18.59 -2.36
CA SER C 40 15.84 19.97 -2.16
C SER C 40 14.85 20.96 -2.74
N VAL C 41 14.29 20.65 -3.91
CA VAL C 41 13.25 21.50 -4.46
C VAL C 41 12.04 21.50 -3.55
N LEU C 42 11.71 20.34 -2.97
CA LEU C 42 10.59 20.28 -2.03
C LEU C 42 10.89 21.12 -0.79
N TYR C 43 12.08 20.94 -0.22
CA TYR C 43 12.49 21.70 0.95
C TYR C 43 12.36 23.20 0.70
N ASN C 44 12.72 23.67 -0.49
CA ASN C 44 12.72 25.09 -0.81
C ASN C 44 11.39 25.58 -1.40
N SER C 45 10.37 24.72 -1.47
CA SER C 45 9.19 25.07 -2.24
C SER C 45 8.23 25.99 -1.51
N ALA C 46 8.42 26.21 -0.21
CA ALA C 46 7.50 27.05 0.56
C ALA C 46 8.16 27.41 1.88
N SER C 47 7.55 28.35 2.59
CA SER C 47 8.02 28.73 3.93
C SER C 47 7.35 27.79 4.92
N PHE C 48 7.99 26.66 5.16
CA PHE C 48 7.49 25.71 6.15
C PHE C 48 7.83 26.18 7.55
N SER C 49 7.00 25.78 8.51
CA SER C 49 7.29 26.06 9.91
C SER C 49 8.02 24.91 10.57
N THR C 50 7.86 23.70 10.04
CA THR C 50 8.56 22.52 10.54
C THR C 50 9.06 21.74 9.33
N PHE C 51 10.30 21.30 9.40
CA PHE C 51 10.83 20.37 8.40
C PHE C 51 11.92 19.58 9.12
N LYS C 52 11.50 18.51 9.79
CA LYS C 52 12.36 17.73 10.67
C LYS C 52 12.47 16.33 10.11
N CYS C 53 13.71 15.89 9.86
CA CYS C 53 13.94 14.55 9.32
C CYS C 53 14.64 13.68 10.36
N TYR C 54 14.36 12.39 10.28
CA TYR C 54 14.83 11.37 11.19
C TYR C 54 15.46 10.25 10.36
N GLY C 55 16.72 9.91 10.67
CA GLY C 55 17.39 8.85 9.96
C GLY C 55 17.77 9.15 8.53
N VAL C 56 17.35 10.29 7.98
CA VAL C 56 17.76 10.78 6.67
C VAL C 56 17.89 12.30 6.78
N SER C 57 18.36 12.90 5.71
CA SER C 57 18.55 14.35 5.70
C SER C 57 18.12 14.90 4.36
N PRO C 58 17.66 16.15 4.33
CA PRO C 58 17.49 16.81 3.02
C PRO C 58 18.78 16.82 2.23
N THR C 59 19.91 16.94 2.93
CA THR C 59 21.21 16.93 2.26
C THR C 59 21.49 15.58 1.60
N LYS C 60 20.92 14.49 2.12
CA LYS C 60 21.21 13.13 1.68
C LYS C 60 20.20 12.58 0.67
N LEU C 61 18.93 12.99 0.77
CA LEU C 61 17.87 12.24 0.10
C LEU C 61 18.04 12.24 -1.42
N ASN C 62 18.68 13.26 -1.97
CA ASN C 62 18.80 13.32 -3.42
C ASN C 62 19.75 12.28 -3.99
N ASP C 63 20.53 11.61 -3.14
CA ASP C 63 21.41 10.54 -3.57
C ASP C 63 20.95 9.17 -3.09
N LEU C 64 19.68 9.03 -2.75
CA LEU C 64 19.15 7.78 -2.20
C LEU C 64 17.96 7.30 -3.01
N CYS C 65 17.77 5.97 -3.01
CA CYS C 65 16.63 5.32 -3.63
C CYS C 65 15.90 4.49 -2.58
N PHE C 66 14.57 4.48 -2.64
CA PHE C 66 13.77 3.69 -1.72
C PHE C 66 12.78 2.82 -2.48
N THR C 67 12.34 1.76 -1.81
CA THR C 67 11.33 0.88 -2.38
C THR C 67 10.00 1.60 -2.51
N ASN C 68 9.63 2.34 -1.48
CA ASN C 68 8.43 3.17 -1.55
C ASN C 68 8.61 4.37 -0.62
N VAL C 69 7.87 5.41 -0.93
CA VAL C 69 7.68 6.56 -0.06
C VAL C 69 6.18 6.65 0.22
N TYR C 70 5.82 6.81 1.48
CA TYR C 70 4.44 7.10 1.84
C TYR C 70 4.36 8.55 2.26
N ALA C 71 3.30 9.23 1.82
CA ALA C 71 3.04 10.61 2.19
C ALA C 71 1.72 10.63 2.94
N ASP C 72 1.79 10.84 4.24
CA ASP C 72 0.60 10.93 5.09
C ASP C 72 0.31 12.41 5.34
N SER C 73 -0.97 12.78 5.32
CA SER C 73 -1.28 14.20 5.47
C SER C 73 -2.60 14.41 6.22
N PHE C 74 -2.65 15.52 6.94
CA PHE C 74 -3.78 15.84 7.81
C PHE C 74 -3.60 17.23 8.41
N VAL C 75 -4.60 17.72 9.15
CA VAL C 75 -4.54 19.01 9.83
C VAL C 75 -4.60 18.78 11.33
N ILE C 76 -3.75 19.49 12.08
CA ILE C 76 -3.79 19.54 13.54
C ILE C 76 -3.55 20.99 13.94
N ARG C 77 -3.56 21.21 15.26
N ARG C 77 -3.56 21.25 15.25
CA ARG C 77 -3.22 22.49 15.88
CA ARG C 77 -3.28 22.59 15.72
C ARG C 77 -1.71 22.75 15.78
C ARG C 77 -1.78 22.77 16.02
N GLY C 78 -1.34 24.03 15.92
CA GLY C 78 0.08 24.34 15.97
C GLY C 78 0.83 23.69 17.11
N ASP C 79 0.27 23.75 18.32
CA ASP C 79 0.96 23.21 19.49
C ASP C 79 1.02 21.70 19.50
N GLU C 80 0.39 21.02 18.53
CA GLU C 80 0.42 19.57 18.46
C GLU C 80 1.41 19.04 17.46
N VAL C 81 2.00 19.89 16.61
CA VAL C 81 2.97 19.41 15.63
C VAL C 81 4.12 18.68 16.32
N ARG C 82 4.50 19.11 17.53
CA ARG C 82 5.54 18.43 18.29
C ARG C 82 5.21 16.97 18.57
N GLN C 83 3.93 16.60 18.56
CA GLN C 83 3.57 15.20 18.79
C GLN C 83 3.78 14.33 17.56
N ILE C 84 4.00 14.92 16.38
CA ILE C 84 4.26 14.14 15.17
C ILE C 84 5.75 13.88 15.09
N ALA C 85 6.22 12.98 15.94
CA ALA C 85 7.64 12.70 16.10
C ALA C 85 7.75 11.39 16.86
N PRO C 86 8.83 10.62 16.65
CA PRO C 86 9.00 9.38 17.40
C PRO C 86 9.02 9.63 18.90
N GLY C 87 8.41 8.71 19.65
CA GLY C 87 8.50 8.73 21.09
C GLY C 87 7.65 9.75 21.81
N GLN C 88 6.65 10.32 21.15
CA GLN C 88 5.83 11.34 21.78
C GLN C 88 4.54 10.74 22.34
N THR C 89 3.95 11.49 23.26
CA THR C 89 2.69 11.15 23.89
C THR C 89 1.78 12.37 23.83
N GLY C 90 0.50 12.17 24.10
CA GLY C 90 -0.53 13.18 23.90
C GLY C 90 -1.68 12.65 23.07
N LYS C 91 -2.76 13.45 23.03
CA LYS C 91 -3.99 12.99 22.37
C LYS C 91 -3.74 12.61 20.91
N ILE C 92 -2.91 13.39 20.20
CA ILE C 92 -2.70 13.13 18.78
C ILE C 92 -1.82 11.88 18.61
N ALA C 93 -0.68 11.82 19.31
CA ALA C 93 0.20 10.67 19.16
C ALA C 93 -0.46 9.39 19.68
N ASP C 94 -1.22 9.49 20.78
CA ASP C 94 -1.81 8.31 21.40
C ASP C 94 -3.02 7.81 20.62
N TYR C 95 -3.89 8.71 20.16
CA TYR C 95 -5.22 8.33 19.69
C TYR C 95 -5.46 8.58 18.20
N ASN C 96 -4.54 9.25 17.49
CA ASN C 96 -4.82 9.68 16.13
C ASN C 96 -3.76 9.29 15.11
N TYR C 97 -2.51 9.64 15.35
CA TYR C 97 -1.45 9.35 14.38
C TYR C 97 -0.15 9.10 15.12
N LYS C 98 0.38 7.88 15.03
CA LYS C 98 1.50 7.46 15.86
C LYS C 98 2.69 7.10 14.97
N LEU C 99 3.84 7.78 15.20
CA LEU C 99 5.04 7.36 14.49
C LEU C 99 5.80 6.30 15.28
N PRO C 100 6.48 5.38 14.60
CA PRO C 100 7.28 4.37 15.32
C PRO C 100 8.55 4.97 15.89
N ASP C 101 9.14 4.24 16.85
CA ASP C 101 10.42 4.66 17.40
C ASP C 101 11.51 4.69 16.34
N ASP C 102 11.49 3.74 15.40
CA ASP C 102 12.53 3.64 14.37
C ASP C 102 12.16 4.40 13.11
N PHE C 103 11.34 5.43 13.22
CA PHE C 103 10.88 6.19 12.06
C PHE C 103 12.04 6.68 11.21
N THR C 104 11.94 6.44 9.90
CA THR C 104 12.84 7.02 8.90
C THR C 104 12.01 7.88 7.95
N GLY C 105 12.14 9.20 8.10
CA GLY C 105 11.48 10.10 7.16
C GLY C 105 11.51 11.53 7.66
N CYS C 106 10.61 12.34 7.10
CA CYS C 106 10.54 13.77 7.41
C CYS C 106 9.13 14.15 7.79
N VAL C 107 9.03 15.08 8.76
CA VAL C 107 7.77 15.68 9.18
C VAL C 107 7.80 17.14 8.77
N ILE C 108 6.84 17.52 7.93
CA ILE C 108 6.79 18.84 7.30
C ILE C 108 5.45 19.48 7.67
N ALA C 109 5.49 20.75 8.08
CA ALA C 109 4.25 21.41 8.47
C ALA C 109 4.30 22.88 8.13
N TRP C 110 3.13 23.48 7.96
CA TRP C 110 3.02 24.92 7.72
C TRP C 110 1.69 25.45 8.24
N ASN C 111 1.72 26.70 8.68
CA ASN C 111 0.51 27.36 9.15
C ASN C 111 -0.48 27.53 8.01
N SER C 112 -1.73 27.08 8.22
CA SER C 112 -2.77 27.19 7.21
C SER C 112 -3.96 28.02 7.70
N ASN C 113 -3.71 28.95 8.63
CA ASN C 113 -4.78 29.79 9.16
C ASN C 113 -5.53 30.51 8.05
N ASN C 114 -4.84 30.84 6.94
CA ASN C 114 -5.48 31.56 5.85
C ASN C 114 -6.48 30.70 5.07
N LEU C 115 -6.35 29.37 5.11
CA LEU C 115 -7.30 28.49 4.42
C LEU C 115 -8.27 27.78 5.36
N ASP C 116 -7.81 27.41 6.56
CA ASP C 116 -8.53 26.47 7.41
C ASP C 116 -9.18 27.12 8.63
N SER C 117 -9.20 28.45 8.72
CA SER C 117 -10.02 29.12 9.71
C SER C 117 -11.09 29.95 9.00
N LYS C 118 -12.10 30.35 9.77
CA LYS C 118 -13.25 31.04 9.19
C LYS C 118 -13.90 31.88 10.28
N VAL C 119 -14.46 33.02 9.87
CA VAL C 119 -15.29 33.80 10.77
C VAL C 119 -16.43 32.93 11.25
N GLY C 120 -16.60 32.84 12.57
CA GLY C 120 -17.58 31.95 13.15
C GLY C 120 -17.07 30.56 13.43
N GLY C 121 -15.86 30.24 12.97
CA GLY C 121 -15.27 28.94 13.23
C GLY C 121 -15.29 28.00 12.04
N ASN C 122 -14.17 27.33 11.80
CA ASN C 122 -14.10 26.19 10.90
C ASN C 122 -14.13 24.94 11.78
N TYR C 123 -15.17 24.12 11.61
CA TYR C 123 -15.38 22.91 12.40
C TYR C 123 -15.16 21.64 11.57
N ASN C 124 -14.53 21.78 10.40
CA ASN C 124 -14.36 20.67 9.46
C ASN C 124 -13.40 19.59 9.99
N TYR C 125 -12.42 19.97 10.81
CA TYR C 125 -11.33 19.07 11.15
C TYR C 125 -11.52 18.45 12.52
N LEU C 126 -11.46 17.12 12.59
CA LEU C 126 -11.76 16.36 13.79
C LEU C 126 -10.54 15.58 14.28
N TYR C 127 -10.54 15.25 15.56
CA TYR C 127 -9.56 14.36 16.15
C TYR C 127 -10.24 13.47 17.18
N ARG C 128 -9.65 12.31 17.43
CA ARG C 128 -10.19 11.39 18.43
C ARG C 128 -9.75 11.83 19.81
N LEU C 129 -10.73 11.97 20.71
CA LEU C 129 -10.54 12.47 22.07
C LEU C 129 -10.54 11.36 23.10
N PHE C 130 -11.21 10.24 22.81
CA PHE C 130 -11.34 9.09 23.72
C PHE C 130 -10.94 7.82 23.00
N ARG C 131 -10.17 6.97 23.67
CA ARG C 131 -9.87 5.65 23.15
C ARG C 131 -9.42 4.76 24.30
N LYS C 132 -9.77 3.48 24.22
CA LYS C 132 -9.43 2.56 25.31
C LYS C 132 -7.96 2.21 25.34
N SER C 133 -7.25 2.30 24.22
CA SER C 133 -5.83 1.98 24.19
C SER C 133 -5.14 2.88 23.18
N ASN C 134 -3.81 2.94 23.27
CA ASN C 134 -3.06 3.75 22.32
C ASN C 134 -2.97 3.06 20.96
N LEU C 135 -2.88 3.87 19.92
CA LEU C 135 -2.62 3.33 18.59
C LEU C 135 -1.23 2.70 18.52
N LYS C 136 -1.12 1.66 17.71
CA LYS C 136 0.18 1.20 17.25
C LYS C 136 0.67 2.13 16.14
N PRO C 137 1.97 2.11 15.84
CA PRO C 137 2.47 3.00 14.79
C PRO C 137 1.78 2.78 13.47
N PHE C 138 1.41 3.89 12.83
CA PHE C 138 0.74 3.96 11.53
C PHE C 138 -0.63 3.27 11.52
N GLU C 139 -1.23 3.05 12.69
CA GLU C 139 -2.59 2.56 12.74
C GLU C 139 -3.56 3.71 12.49
N ARG C 140 -4.74 3.38 11.95
CA ARG C 140 -5.76 4.37 11.64
CA ARG C 140 -5.76 4.37 11.64
C ARG C 140 -7.08 3.85 12.19
N ASP C 141 -7.74 4.64 13.03
CA ASP C 141 -9.00 4.29 13.65
C ASP C 141 -10.02 5.34 13.23
N ILE C 142 -11.04 4.92 12.46
CA ILE C 142 -12.07 5.86 12.00
C ILE C 142 -13.44 5.55 12.61
N SER C 143 -13.48 4.69 13.64
CA SER C 143 -14.77 4.35 14.23
C SER C 143 -15.37 5.52 15.00
N THR C 144 -16.71 5.53 15.11
CA THR C 144 -17.43 6.60 15.79
C THR C 144 -18.43 6.08 16.81
N GLU C 145 -18.14 4.92 17.40
CA GLU C 145 -19.00 4.39 18.45
C GLU C 145 -18.83 5.19 19.73
N ILE C 146 -19.94 5.36 20.46
CA ILE C 146 -19.90 6.03 21.77
C ILE C 146 -18.88 5.34 22.66
N TYR C 147 -18.07 6.14 23.34
CA TYR C 147 -17.01 5.65 24.22
C TYR C 147 -17.56 5.46 25.62
N GLN C 148 -17.44 4.24 26.15
CA GLN C 148 -17.99 3.91 27.48
C GLN C 148 -16.89 4.14 28.51
N ALA C 149 -16.97 5.26 29.22
CA ALA C 149 -15.93 5.63 30.17
C ALA C 149 -16.10 4.97 31.52
N GLY C 150 -17.28 4.42 31.82
CA GLY C 150 -17.51 3.78 33.09
C GLY C 150 -17.82 2.30 32.99
N SER C 151 -18.39 1.73 34.06
CA SER C 151 -18.69 0.31 34.11
C SER C 151 -20.00 -0.04 33.42
N THR C 152 -20.92 0.92 33.29
CA THR C 152 -22.30 0.75 32.82
C THR C 152 -22.36 0.91 31.30
N PRO C 153 -23.01 -0.01 30.58
CA PRO C 153 -23.12 0.15 29.13
C PRO C 153 -23.97 1.36 28.78
N CYS C 154 -23.63 1.98 27.65
CA CYS C 154 -24.28 3.24 27.29
C CYS C 154 -25.62 3.03 26.61
N ASN C 155 -25.81 1.91 25.91
CA ASN C 155 -27.05 1.59 25.19
C ASN C 155 -27.48 2.75 24.29
N GLY C 156 -26.50 3.41 23.68
CA GLY C 156 -26.76 4.46 22.73
C GLY C 156 -27.10 5.79 23.34
N VAL C 157 -27.06 5.92 24.66
CA VAL C 157 -27.45 7.16 25.34
C VAL C 157 -26.18 7.90 25.73
N GLU C 158 -26.01 9.11 25.21
CA GLU C 158 -24.84 9.90 25.56
C GLU C 158 -25.10 10.69 26.84
N GLY C 159 -24.02 10.94 27.58
CA GLY C 159 -24.10 11.73 28.78
C GLY C 159 -22.80 11.61 29.53
N PHE C 160 -22.87 11.83 30.84
N PHE C 160 -22.87 11.82 30.84
CA PHE C 160 -21.74 11.57 31.71
CA PHE C 160 -21.65 11.70 31.63
C PHE C 160 -21.26 10.13 31.51
C PHE C 160 -21.22 10.23 31.68
N ASN C 161 -19.96 9.98 31.34
CA ASN C 161 -19.32 8.66 31.16
C ASN C 161 -19.75 7.93 29.89
N CYS C 162 -20.48 8.59 28.96
CA CYS C 162 -20.84 8.01 27.67
C CYS C 162 -20.64 9.09 26.60
N TYR C 163 -19.48 9.11 25.92
CA TYR C 163 -19.12 10.22 25.06
C TYR C 163 -18.96 9.81 23.60
N PHE C 164 -19.51 10.62 22.70
CA PHE C 164 -19.09 10.56 21.30
C PHE C 164 -17.57 10.74 21.27
N PRO C 165 -16.82 9.89 20.56
CA PRO C 165 -15.35 9.83 20.77
C PRO C 165 -14.54 10.88 20.03
N LEU C 166 -15.12 11.65 19.12
CA LEU C 166 -14.38 12.66 18.38
C LEU C 166 -14.71 14.05 18.86
N GLN C 167 -13.71 14.94 18.78
CA GLN C 167 -13.89 16.36 19.00
C GLN C 167 -13.47 17.07 17.71
N SER C 168 -14.02 18.26 17.48
CA SER C 168 -13.64 19.06 16.34
C SER C 168 -12.76 20.22 16.81
N TYR C 169 -11.71 20.53 16.04
CA TYR C 169 -11.08 21.82 16.25
C TYR C 169 -12.08 22.91 15.93
N GLY C 170 -11.88 24.07 16.53
CA GLY C 170 -12.77 25.17 16.19
C GLY C 170 -11.90 26.31 15.75
N PHE C 171 -11.37 26.23 14.53
CA PHE C 171 -10.33 27.18 14.14
C PHE C 171 -10.96 28.55 13.89
N GLN C 172 -10.71 29.47 14.79
N GLN C 172 -10.73 29.47 14.81
CA GLN C 172 -11.15 30.84 14.60
CA GLN C 172 -11.12 30.85 14.59
C GLN C 172 -9.94 31.70 14.22
C GLN C 172 -9.90 31.66 14.16
N PRO C 173 -10.08 32.59 13.23
CA PRO C 173 -8.92 33.34 12.72
C PRO C 173 -8.08 34.03 13.79
N THR C 174 -8.69 34.50 14.89
CA THR C 174 -7.96 35.22 15.92
C THR C 174 -7.28 34.31 16.94
N ASN C 175 -7.42 32.99 16.84
CA ASN C 175 -6.72 32.11 17.75
C ASN C 175 -5.24 32.43 17.82
N GLY C 176 -4.65 32.21 18.99
CA GLY C 176 -3.20 32.20 19.09
C GLY C 176 -2.61 31.13 18.18
N VAL C 177 -1.32 31.30 17.88
CA VAL C 177 -0.69 30.48 16.87
C VAL C 177 -0.69 29.00 17.27
N GLY C 178 -0.62 28.73 18.57
CA GLY C 178 -0.65 27.34 19.01
C GLY C 178 -1.98 26.66 18.79
N TYR C 179 -3.03 27.44 18.55
CA TYR C 179 -4.38 26.92 18.34
C TYR C 179 -4.86 27.22 16.94
N GLN C 180 -3.96 27.62 16.03
CA GLN C 180 -4.27 27.80 14.63
C GLN C 180 -4.02 26.50 13.88
N PRO C 181 -4.69 26.30 12.74
CA PRO C 181 -4.50 25.04 12.00
C PRO C 181 -3.16 25.00 11.30
N TYR C 182 -2.56 23.82 11.29
CA TYR C 182 -1.33 23.54 10.55
C TYR C 182 -1.59 22.34 9.66
N ARG C 183 -1.23 22.46 8.38
CA ARG C 183 -1.21 21.31 7.49
C ARG C 183 0.10 20.57 7.65
N VAL C 184 0.02 19.24 7.72
CA VAL C 184 1.18 18.40 8.01
C VAL C 184 1.31 17.36 6.91
N VAL C 185 2.54 17.12 6.44
CA VAL C 185 2.84 15.99 5.55
C VAL C 185 3.96 15.19 6.20
N VAL C 186 3.76 13.89 6.34
CA VAL C 186 4.79 12.99 6.88
C VAL C 186 5.26 12.09 5.75
N LEU C 187 6.55 12.14 5.44
CA LEU C 187 7.12 11.29 4.40
C LEU C 187 7.88 10.16 5.06
N SER C 188 7.52 8.92 4.73
CA SER C 188 8.13 7.71 5.25
C SER C 188 8.93 7.06 4.13
N PHE C 189 10.18 6.69 4.41
CA PHE C 189 11.03 6.06 3.41
C PHE C 189 11.29 4.61 3.80
N GLU C 190 10.88 3.69 2.94
CA GLU C 190 11.01 2.26 3.19
C GLU C 190 12.00 1.67 2.20
N LEU C 191 12.86 0.81 2.70
CA LEU C 191 13.83 0.07 1.89
C LEU C 191 13.60 -1.41 2.20
N LEU C 192 12.99 -2.11 1.27
CA LEU C 192 12.77 -3.55 1.40
C LEU C 192 13.68 -4.29 0.44
N HIS C 193 13.65 -5.61 0.54
CA HIS C 193 14.37 -6.45 -0.41
C HIS C 193 13.52 -6.55 -1.68
N ALA C 194 13.56 -5.46 -2.44
CA ALA C 194 12.76 -5.27 -3.63
C ALA C 194 13.36 -4.12 -4.42
N PRO C 195 13.03 -3.97 -5.69
CA PRO C 195 13.60 -2.86 -6.47
C PRO C 195 13.30 -1.53 -5.80
N ALA C 196 14.28 -0.63 -5.81
CA ALA C 196 14.12 0.70 -5.21
C ALA C 196 13.75 1.66 -6.33
N THR C 197 12.46 1.96 -6.43
CA THR C 197 11.89 2.68 -7.57
C THR C 197 11.64 4.16 -7.31
N VAL C 198 11.88 4.67 -6.11
CA VAL C 198 11.74 6.10 -5.82
C VAL C 198 13.12 6.65 -5.51
N CYS C 199 13.65 7.48 -6.40
CA CYS C 199 15.04 7.89 -6.36
C CYS C 199 15.15 9.40 -6.42
N GLY C 200 16.15 9.93 -5.72
CA GLY C 200 16.55 11.29 -5.90
C GLY C 200 17.17 11.47 -7.28
N PRO C 201 17.29 12.73 -7.73
CA PRO C 201 17.80 12.96 -9.10
C PRO C 201 19.18 12.38 -9.33
N LYS C 202 20.02 12.37 -8.29
CA LYS C 202 21.40 11.92 -8.45
C LYS C 202 21.50 10.40 -8.63
N LYS C 203 20.52 9.65 -8.16
CA LYS C 203 20.41 8.18 -8.31
C LYS C 203 21.73 7.44 -8.49
N SER D 4 -8.68 32.57 28.06
CA SER D 4 -9.38 31.33 28.36
C SER D 4 -10.84 31.53 28.79
N GLN D 5 -11.27 32.77 29.00
CA GLN D 5 -12.61 33.04 29.47
CA GLN D 5 -12.61 32.95 29.51
C GLN D 5 -13.64 32.72 28.39
N VAL D 6 -14.79 32.22 28.79
CA VAL D 6 -15.89 31.99 27.87
C VAL D 6 -17.17 32.41 28.56
N GLN D 7 -18.07 33.01 27.79
CA GLN D 7 -19.43 33.27 28.24
C GLN D 7 -20.37 32.59 27.26
N LEU D 8 -21.20 31.69 27.76
CA LEU D 8 -22.24 31.03 26.98
C LEU D 8 -23.58 31.68 27.30
N GLN D 9 -24.11 32.45 26.35
CA GLN D 9 -25.36 33.19 26.56
C GLN D 9 -26.49 32.34 26.00
N GLU D 10 -27.37 31.89 26.87
CA GLU D 10 -28.51 31.06 26.49
C GLU D 10 -29.77 31.91 26.39
N SER D 11 -30.55 31.68 25.34
CA SER D 11 -31.77 32.45 25.13
C SER D 11 -32.74 31.65 24.26
N GLY D 12 -33.96 32.19 24.10
CA GLY D 12 -34.95 31.62 23.22
C GLY D 12 -36.03 30.80 23.89
N GLY D 13 -35.92 30.57 25.18
CA GLY D 13 -36.96 29.86 25.90
C GLY D 13 -38.25 30.66 25.94
N GLY D 14 -39.30 30.01 26.41
CA GLY D 14 -40.58 30.69 26.43
C GLY D 14 -41.67 29.80 26.98
N LEU D 15 -42.87 30.37 27.02
CA LEU D 15 -44.07 29.65 27.44
C LEU D 15 -44.91 29.44 26.19
N VAL D 16 -45.17 28.16 25.84
CA VAL D 16 -45.91 27.82 24.64
C VAL D 16 -46.91 26.72 24.94
N GLN D 17 -47.87 26.53 24.02
CA GLN D 17 -48.83 25.45 24.10
C GLN D 17 -48.26 24.17 23.47
N PRO D 18 -48.79 23.01 23.84
CA PRO D 18 -48.40 21.76 23.16
C PRO D 18 -48.59 21.87 21.66
N GLY D 19 -47.62 21.32 20.93
CA GLY D 19 -47.56 21.45 19.49
C GLY D 19 -46.79 22.66 18.98
N GLY D 20 -46.47 23.62 19.85
CA GLY D 20 -45.77 24.82 19.43
C GLY D 20 -44.27 24.59 19.22
N SER D 21 -43.56 25.68 18.92
CA SER D 21 -42.14 25.65 18.58
CA SER D 21 -42.14 25.61 18.63
C SER D 21 -41.39 26.75 19.32
N LEU D 22 -40.12 26.48 19.62
CA LEU D 22 -39.18 27.47 20.13
C LEU D 22 -37.84 27.19 19.48
N ARG D 23 -36.98 28.22 19.39
N ARG D 23 -36.97 28.20 19.44
CA ARG D 23 -35.60 28.05 18.95
CA ARG D 23 -35.60 28.05 18.94
C ARG D 23 -34.70 28.60 20.03
C ARG D 23 -34.66 28.61 19.99
N LEU D 24 -33.93 27.72 20.67
CA LEU D 24 -32.97 28.15 21.67
C LEU D 24 -31.67 28.55 20.97
N SER D 25 -30.97 29.50 21.58
N SER D 25 -30.99 29.51 21.59
CA SER D 25 -29.70 29.98 21.08
CA SER D 25 -29.70 29.99 21.12
C SER D 25 -28.64 29.85 22.18
C SER D 25 -28.66 29.78 22.21
N CYS D 26 -27.48 29.33 21.80
CA CYS D 26 -26.32 29.21 22.68
C CYS D 26 -25.24 30.04 22.00
N ALA D 27 -25.03 31.27 22.47
CA ALA D 27 -24.14 32.22 21.82
C ALA D 27 -22.87 32.33 22.65
N ALA D 28 -21.75 31.86 22.11
CA ALA D 28 -20.48 31.84 22.82
C ALA D 28 -19.69 33.10 22.46
N SER D 29 -19.02 33.65 23.47
CA SER D 29 -18.15 34.80 23.29
C SER D 29 -16.97 34.63 24.26
N GLY D 30 -15.88 35.31 23.95
CA GLY D 30 -14.79 35.34 24.91
C GLY D 30 -13.42 35.15 24.31
N SER D 31 -12.39 35.22 25.17
CA SER D 31 -11.02 35.18 24.69
C SER D 31 -10.70 33.83 24.05
N PHE D 32 -11.13 32.74 24.67
CA PHE D 32 -10.82 31.44 24.09
C PHE D 32 -11.78 30.37 24.60
N PHE D 33 -12.24 29.52 23.68
CA PHE D 33 -13.12 28.43 24.06
C PHE D 33 -13.13 27.41 22.93
N GLU D 34 -13.44 26.17 23.29
CA GLU D 34 -13.50 25.05 22.34
C GLU D 34 -14.97 24.85 21.95
N PHE D 35 -15.33 25.33 20.77
CA PHE D 35 -16.71 25.27 20.32
C PHE D 35 -16.96 24.12 19.35
N GLY D 36 -16.03 23.18 19.25
CA GLY D 36 -16.18 22.07 18.30
C GLY D 36 -17.27 21.08 18.70
N THR D 37 -17.57 20.97 19.99
CA THR D 37 -18.69 20.18 20.49
C THR D 37 -19.56 21.09 21.35
N VAL D 38 -20.85 21.12 21.05
CA VAL D 38 -21.81 21.91 21.83
C VAL D 38 -22.95 20.98 22.19
N GLY D 39 -23.30 20.97 23.48
CA GLY D 39 -24.38 20.13 23.96
C GLY D 39 -25.49 20.98 24.56
N TRP D 40 -26.73 20.61 24.27
CA TRP D 40 -27.87 21.19 24.94
C TRP D 40 -28.35 20.20 25.99
N PHE D 41 -28.44 20.66 27.23
CA PHE D 41 -28.87 19.86 28.36
C PHE D 41 -30.20 20.40 28.85
N ARG D 42 -30.91 19.58 29.62
CA ARG D 42 -32.10 20.10 30.27
C ARG D 42 -32.27 19.40 31.62
N GLN D 43 -32.93 20.09 32.54
CA GLN D 43 -33.23 19.54 33.85
C GLN D 43 -34.68 19.82 34.17
N ALA D 44 -35.50 18.78 34.12
CA ALA D 44 -36.93 18.87 34.40
C ALA D 44 -37.19 18.81 35.91
N PRO D 45 -38.36 19.24 36.35
CA PRO D 45 -38.67 19.21 37.79
C PRO D 45 -38.48 17.82 38.37
N GLY D 46 -37.70 17.75 39.46
CA GLY D 46 -37.44 16.51 40.15
C GLY D 46 -36.49 15.55 39.45
N LYS D 47 -35.92 15.92 38.30
CA LYS D 47 -35.12 14.97 37.51
C LYS D 47 -33.68 15.42 37.43
N GLN D 48 -32.78 14.47 37.12
CA GLN D 48 -31.37 14.79 36.84
C GLN D 48 -31.25 15.48 35.49
N ARG D 49 -30.20 16.28 35.37
CA ARG D 49 -29.85 16.87 34.08
C ARG D 49 -29.55 15.77 33.07
N GLU D 50 -30.00 15.97 31.83
CA GLU D 50 -29.74 15.02 30.77
C GLU D 50 -29.26 15.75 29.52
N LEU D 51 -28.43 15.08 28.73
CA LEU D 51 -28.02 15.61 27.45
C LEU D 51 -29.16 15.40 26.44
N VAL D 52 -29.68 16.50 25.89
CA VAL D 52 -30.79 16.46 24.94
C VAL D 52 -30.28 16.30 23.51
N SER D 53 -29.23 17.03 23.16
CA SER D 53 -28.76 17.05 21.79
C SER D 53 -27.31 17.49 21.81
N ARG D 54 -26.52 17.00 20.86
CA ARG D 54 -25.13 17.40 20.72
C ARG D 54 -24.81 17.60 19.24
N ILE D 55 -23.93 18.56 18.95
CA ILE D 55 -23.33 18.66 17.63
C ILE D 55 -21.81 18.72 17.79
N THR D 56 -21.12 17.94 16.97
CA THR D 56 -19.65 17.90 16.94
C THR D 56 -19.22 18.12 15.50
N GLY D 57 -18.23 18.98 15.31
CA GLY D 57 -17.89 19.30 13.95
C GLY D 57 -19.04 20.03 13.30
N ASN D 58 -19.20 19.80 11.99
CA ASN D 58 -20.33 20.36 11.26
C ASN D 58 -21.55 19.46 11.24
N ASP D 59 -21.41 18.15 11.47
CA ASP D 59 -22.51 17.28 11.06
C ASP D 59 -22.60 15.96 11.81
N HIS D 60 -21.93 15.82 12.93
CA HIS D 60 -22.10 14.66 13.78
C HIS D 60 -23.05 15.08 14.87
N ARG D 61 -24.30 14.62 14.79
CA ARG D 61 -25.33 15.04 15.70
C ARG D 61 -25.82 13.87 16.56
N TYR D 62 -26.32 14.22 17.74
CA TYR D 62 -26.97 13.29 18.66
C TYR D 62 -28.27 13.90 19.15
N TYR D 63 -29.29 13.06 19.29
CA TYR D 63 -30.56 13.44 19.91
C TYR D 63 -31.00 12.38 20.89
N ALA D 64 -31.40 12.80 22.09
CA ALA D 64 -31.96 11.84 23.03
C ALA D 64 -33.22 11.22 22.42
N ASP D 65 -33.46 9.95 22.76
CA ASP D 65 -34.63 9.24 22.20
C ASP D 65 -35.91 10.08 22.31
N SER D 66 -36.14 10.71 23.46
CA SER D 66 -37.41 11.41 23.68
C SER D 66 -37.60 12.62 22.76
N VAL D 67 -36.55 13.09 22.07
CA VAL D 67 -36.69 14.25 21.19
C VAL D 67 -36.33 13.95 19.74
N LYS D 68 -35.95 12.71 19.41
CA LYS D 68 -35.56 12.37 18.04
C LYS D 68 -36.68 12.69 17.04
N GLY D 69 -36.33 13.38 15.97
CA GLY D 69 -37.33 13.79 14.99
C GLY D 69 -38.04 15.08 15.28
N ARG D 70 -38.05 15.52 16.54
CA ARG D 70 -38.72 16.76 16.91
C ARG D 70 -37.78 17.94 17.05
N PHE D 71 -36.55 17.69 17.49
CA PHE D 71 -35.55 18.74 17.72
C PHE D 71 -34.48 18.70 16.63
N THR D 72 -33.94 19.87 16.28
CA THR D 72 -32.85 19.96 15.32
C THR D 72 -31.79 20.91 15.85
N ILE D 73 -30.54 20.44 15.89
CA ILE D 73 -29.43 21.24 16.38
C ILE D 73 -28.62 21.70 15.17
N SER D 74 -28.16 22.96 15.21
CA SER D 74 -27.53 23.56 14.04
C SER D 74 -26.55 24.65 14.48
N ARG D 75 -25.66 25.03 13.56
CA ARG D 75 -24.71 26.11 13.78
C ARG D 75 -25.11 27.35 13.00
N ASP D 76 -24.92 28.52 13.60
CA ASP D 76 -24.98 29.77 12.85
C ASP D 76 -23.82 29.82 11.87
N ASN D 77 -24.09 30.32 10.66
CA ASN D 77 -23.08 30.29 9.60
C ASN D 77 -21.94 31.28 9.82
N ASP D 78 -22.15 32.33 10.61
CA ASP D 78 -21.19 33.42 10.72
C ASP D 78 -20.71 33.73 12.13
N GLU D 79 -21.29 33.11 13.16
CA GLU D 79 -20.94 33.42 14.54
C GLU D 79 -20.80 32.12 15.31
N THR D 80 -20.10 32.20 16.45
CA THR D 80 -19.97 31.06 17.36
C THR D 80 -21.24 30.92 18.20
N THR D 81 -22.29 30.47 17.52
CA THR D 81 -23.62 30.25 18.08
C THR D 81 -24.16 28.93 17.56
N VAL D 82 -24.85 28.19 18.44
CA VAL D 82 -25.52 26.95 18.08
C VAL D 82 -27.00 27.07 18.45
N TYR D 83 -27.88 26.58 17.58
CA TYR D 83 -29.32 26.68 17.82
C TYR D 83 -29.92 25.30 18.09
N LEU D 84 -30.97 25.30 18.89
CA LEU D 84 -31.80 24.10 19.10
C LEU D 84 -33.23 24.45 18.70
N GLN D 85 -33.61 24.03 17.49
CA GLN D 85 -34.97 24.20 17.02
C GLN D 85 -35.83 23.09 17.62
N MET D 86 -36.85 23.48 18.39
CA MET D 86 -37.69 22.52 19.11
C MET D 86 -39.09 22.62 18.52
N ASP D 87 -39.50 21.58 17.79
CA ASP D 87 -40.82 21.53 17.17
C ASP D 87 -41.69 20.48 17.86
N SER D 88 -43.00 20.57 17.64
CA SER D 88 -43.94 19.59 18.17
C SER D 88 -43.78 19.42 19.69
N LEU D 89 -43.68 20.56 20.38
CA LEU D 89 -43.37 20.54 21.81
C LEU D 89 -44.45 19.85 22.63
N LYS D 90 -44.03 19.17 23.70
CA LYS D 90 -44.85 18.39 24.61
C LYS D 90 -44.70 18.92 26.03
N PRO D 91 -45.70 18.71 26.88
CA PRO D 91 -45.53 19.10 28.30
C PRO D 91 -44.29 18.52 28.94
N GLU D 92 -43.90 17.28 28.58
CA GLU D 92 -42.70 16.68 29.15
C GLU D 92 -41.41 17.38 28.71
N ASP D 93 -41.46 18.30 27.73
CA ASP D 93 -40.26 19.07 27.39
C ASP D 93 -40.04 20.25 28.33
N THR D 94 -40.99 20.54 29.23
CA THR D 94 -40.81 21.62 30.21
C THR D 94 -39.57 21.36 31.06
N ALA D 95 -38.67 22.35 31.13
CA ALA D 95 -37.41 22.21 31.85
C ALA D 95 -36.64 23.51 31.69
N ILE D 96 -35.60 23.66 32.52
CA ILE D 96 -34.59 24.66 32.23
C ILE D 96 -33.52 24.02 31.35
N TYR D 97 -33.18 24.70 30.27
CA TYR D 97 -32.23 24.20 29.29
C TYR D 97 -30.92 24.97 29.41
N HIS D 98 -29.81 24.25 29.30
CA HIS D 98 -28.48 24.82 29.40
C HIS D 98 -27.63 24.30 28.26
N CYS D 99 -26.75 25.14 27.75
CA CYS D 99 -25.77 24.62 26.80
C CYS D 99 -24.40 24.53 27.45
N ASN D 100 -23.55 23.69 26.87
CA ASN D 100 -22.23 23.48 27.45
C ASN D 100 -21.28 23.02 26.35
N ILE D 101 -19.98 23.06 26.68
CA ILE D 101 -18.91 22.66 25.77
C ILE D 101 -18.00 21.69 26.53
N LEU D 102 -17.10 21.05 25.79
CA LEU D 102 -16.17 20.12 26.41
C LEU D 102 -14.98 20.88 26.98
N GLU D 103 -14.45 20.36 28.09
CA GLU D 103 -13.18 20.80 28.66
C GLU D 103 -12.33 19.55 28.83
N GLY D 104 -11.40 19.32 27.91
CA GLY D 104 -10.70 18.04 27.91
C GLY D 104 -11.67 16.93 27.60
N GLN D 105 -11.59 15.85 28.39
CA GLN D 105 -12.43 14.67 28.19
C GLN D 105 -13.73 14.70 29.01
N ARG D 106 -14.27 15.88 29.28
CA ARG D 106 -15.51 15.97 30.05
C ARG D 106 -16.25 17.24 29.70
N TRP D 107 -17.55 17.24 29.95
CA TRP D 107 -18.31 18.48 29.84
C TRP D 107 -17.78 19.50 30.86
N SER D 108 -17.70 20.76 30.45
CA SER D 108 -17.17 21.80 31.31
C SER D 108 -18.06 22.02 32.53
N ASN D 109 -17.53 22.77 33.50
CA ASN D 109 -18.24 23.12 34.72
C ASN D 109 -19.01 24.43 34.60
N TYR D 110 -19.18 24.94 33.38
CA TYR D 110 -19.76 26.26 33.16
C TYR D 110 -21.10 26.48 33.84
N TRP D 111 -22.14 25.78 33.36
CA TRP D 111 -23.51 25.87 33.85
C TRP D 111 -23.98 27.28 34.21
N GLY D 112 -24.26 28.08 33.19
CA GLY D 112 -24.82 29.39 33.40
C GLY D 112 -26.25 29.39 33.88
N GLN D 113 -26.98 30.42 33.49
CA GLN D 113 -28.34 30.58 33.97
C GLN D 113 -29.35 29.76 33.21
N GLY D 114 -29.04 29.43 31.97
CA GLY D 114 -29.99 28.67 31.18
C GLY D 114 -31.13 29.52 30.66
N THR D 115 -32.09 28.82 30.05
CA THR D 115 -33.29 29.46 29.52
C THR D 115 -34.46 28.54 29.80
N GLN D 116 -35.58 29.11 30.26
CA GLN D 116 -36.69 28.31 30.74
C GLN D 116 -37.64 27.98 29.58
N VAL D 117 -38.02 26.72 29.48
CA VAL D 117 -39.00 26.24 28.50
C VAL D 117 -40.17 25.68 29.29
N THR D 118 -41.36 26.22 29.04
CA THR D 118 -42.57 25.73 29.68
C THR D 118 -43.59 25.45 28.58
N VAL D 119 -44.09 24.22 28.54
CA VAL D 119 -45.05 23.77 27.54
C VAL D 119 -46.35 23.49 28.28
N SER D 120 -47.35 24.34 28.05
CA SER D 120 -48.68 24.23 28.64
C SER D 120 -49.22 22.80 28.76
#